data_3GPC
#
_entry.id   3GPC
#
_cell.length_a   55.604
_cell.length_b   97.535
_cell.length_c   118.210
_cell.angle_alpha   90.00
_cell.angle_beta   89.99
_cell.angle_gamma   90.00
#
_symmetry.space_group_name_H-M   'P 1 21 1'
#
loop_
_entity.id
_entity.type
_entity.pdbx_description
1 polymer 'Acyl-coenzyme A synthetase ACSM2A'
2 non-polymer 'MAGNESIUM ION'
3 non-polymer 'COENZYME A'
4 water water
#
_entity_poly.entity_id   1
_entity_poly.type   'polypeptide(L)'
_entity_poly.pdbx_seq_one_letter_code
;MGHHHHHHSSGVDLGTENLYFQSMSLQWGHQEVPAKFNFASDVLDHWADMEKAGKRPPSPALWWVNGKGKELMWNFRELS
ENSQQAANVLSGACGLQRGDRVAVVLPRVPEWWLVILGCIRAGLIFMPGTIQMKSTDILYRLQMSKAKAIVAGDEVIQEV
DTVASECPSLRIKLLVSEKSCDGWLNFKKLLNEASTTHHCVETGSQEASAIYFTSGTSGLPKMAEHSYSSLGLKAKMDAG
WTGLQASDIMWTISDTGWILNILCSLMEPWALGACTFVHLLPKFDPLVILKTLSSYPIKSMMGAPIVYRMLLQQDLSSYK
FPHLQNCVTVGESLLPETLENWRAQTGLDIRESYGQTETGLTCMVSKTMKIKPGYMGTAASCYDVQIIDDKGNVLPPGTE
GDIGIRVKPIRPIGIFSGYVDNPDKTAANIRGDFWLLGDRGIKDEDGYFQFMGRADDIINSSGYRIGPSEVENALMEHPA
VVETAVISSPDPVRGEVVKAFVVLASQFLSHDPEQLTKELQQHVKSVTAPYKYPRKIEFVLNLPKTVTGKIQRAKLRDKE
WKMSGKARAQ
;
_entity_poly.pdbx_strand_id   A,B
#
# COMPACT_ATOMS: atom_id res chain seq x y z
N GLY A 29 -14.65 -0.64 -39.53
CA GLY A 29 -15.98 -0.33 -40.13
C GLY A 29 -16.79 0.62 -39.24
N HIS A 30 -18.11 0.49 -39.28
CA HIS A 30 -18.92 0.98 -38.15
C HIS A 30 -20.19 0.16 -37.89
N GLN A 31 -20.99 0.60 -36.93
CA GLN A 31 -22.01 -0.25 -36.29
C GLN A 31 -23.42 0.07 -36.73
N GLU A 32 -24.32 -0.90 -36.61
CA GLU A 32 -25.76 -0.64 -36.71
C GLU A 32 -26.34 -0.94 -35.33
N VAL A 33 -26.43 0.10 -34.52
CA VAL A 33 -26.89 0.00 -33.14
C VAL A 33 -27.88 1.14 -32.90
N PRO A 34 -28.80 0.95 -31.95
CA PRO A 34 -29.60 2.10 -31.52
C PRO A 34 -28.69 3.19 -30.99
N ALA A 35 -29.14 4.44 -31.04
CA ALA A 35 -28.32 5.55 -30.55
C ALA A 35 -27.97 5.34 -29.08
N LYS A 36 -28.95 4.91 -28.30
CA LYS A 36 -28.80 4.84 -26.86
C LYS A 36 -28.94 3.41 -26.41
N PHE A 37 -28.17 3.03 -25.40
CA PHE A 37 -28.39 1.75 -24.73
C PHE A 37 -27.82 1.81 -23.32
N ASN A 38 -28.54 1.22 -22.38
CA ASN A 38 -28.08 1.09 -21.02
C ASN A 38 -28.65 -0.17 -20.42
N PHE A 39 -27.79 -1.07 -19.96
CA PHE A 39 -28.26 -2.34 -19.48
C PHE A 39 -29.21 -2.21 -18.27
N ALA A 40 -28.94 -1.27 -17.37
CA ALA A 40 -29.74 -1.07 -16.17
C ALA A 40 -31.14 -0.55 -16.54
N SER A 41 -31.21 0.46 -17.37
CA SER A 41 -32.51 1.04 -17.74
C SER A 41 -33.23 0.18 -18.76
N ASP A 42 -32.49 -0.40 -19.69
CA ASP A 42 -33.12 -1.06 -20.81
C ASP A 42 -33.41 -2.52 -20.48
N VAL A 43 -32.70 -3.10 -19.52
CA VAL A 43 -32.97 -4.50 -19.16
C VAL A 43 -33.39 -4.68 -17.74
N LEU A 44 -32.52 -4.33 -16.80
CA LEU A 44 -32.83 -4.60 -15.41
C LEU A 44 -34.07 -3.88 -14.88
N ASP A 45 -34.25 -2.63 -15.27
CA ASP A 45 -35.42 -1.91 -14.83
C ASP A 45 -36.72 -2.44 -15.41
N HIS A 46 -36.65 -3.14 -16.54
CA HIS A 46 -37.82 -3.80 -17.08
C HIS A 46 -38.33 -4.81 -16.08
N TRP A 47 -37.42 -5.61 -15.51
CA TRP A 47 -37.83 -6.65 -14.59
C TRP A 47 -38.34 -6.12 -13.30
N ALA A 48 -37.73 -5.02 -12.84
CA ALA A 48 -38.18 -4.30 -11.66
C ALA A 48 -39.59 -3.73 -11.84
N ASP A 49 -39.76 -3.09 -12.97
CA ASP A 49 -41.04 -2.52 -13.37
C ASP A 49 -42.15 -3.58 -13.42
N MET A 50 -41.83 -4.73 -13.97
CA MET A 50 -42.78 -5.84 -14.08
C MET A 50 -43.25 -6.29 -12.72
N GLU A 51 -42.34 -6.32 -11.75
CA GLU A 51 -42.73 -6.65 -10.38
C GLU A 51 -43.61 -5.57 -9.78
N LYS A 52 -43.19 -4.32 -9.94
CA LYS A 52 -43.91 -3.19 -9.40
C LYS A 52 -45.33 -3.16 -9.95
N ALA A 53 -45.48 -3.53 -11.20
CA ALA A 53 -46.77 -3.52 -11.88
C ALA A 53 -47.63 -4.77 -11.61
N GLY A 54 -47.11 -5.71 -10.83
CA GLY A 54 -47.82 -6.95 -10.59
C GLY A 54 -47.88 -7.83 -11.84
N LYS A 55 -47.05 -7.54 -12.83
CA LYS A 55 -47.05 -8.31 -14.07
C LYS A 55 -46.16 -9.58 -13.94
N ARG A 56 -45.36 -9.60 -12.88
CA ARG A 56 -44.57 -10.78 -12.58
C ARG A 56 -44.39 -10.78 -11.07
N PRO A 57 -44.47 -11.96 -10.45
CA PRO A 57 -44.23 -11.97 -9.01
C PRO A 57 -42.79 -11.50 -8.70
N PRO A 58 -42.52 -11.08 -7.45
CA PRO A 58 -41.17 -10.73 -7.04
C PRO A 58 -40.30 -11.92 -7.31
N SER A 59 -39.23 -11.75 -8.09
CA SER A 59 -38.43 -12.88 -8.53
C SER A 59 -36.99 -12.67 -8.11
N PRO A 60 -36.31 -13.72 -7.64
CA PRO A 60 -34.92 -13.55 -7.22
C PRO A 60 -34.01 -13.11 -8.36
N ALA A 61 -33.23 -12.07 -8.10
CA ALA A 61 -32.25 -11.57 -9.07
C ALA A 61 -30.87 -11.99 -8.67
N LEU A 62 -30.60 -11.85 -7.39
CA LEU A 62 -29.26 -12.12 -6.87
C LEU A 62 -29.44 -12.92 -5.61
N TRP A 63 -28.80 -14.06 -5.56
CA TRP A 63 -28.76 -14.89 -4.33
C TRP A 63 -27.33 -15.08 -4.01
N TRP A 64 -26.91 -14.56 -2.86
CA TRP A 64 -25.54 -14.67 -2.42
C TRP A 64 -25.46 -15.50 -1.16
N VAL A 65 -24.41 -16.31 -1.07
CA VAL A 65 -24.13 -17.06 0.13
C VAL A 65 -22.66 -16.96 0.39
N ASN A 66 -22.29 -17.00 1.68
CA ASN A 66 -20.85 -17.09 2.01
C ASN A 66 -20.37 -18.47 2.36
N GLY A 67 -21.25 -19.45 2.42
CA GLY A 67 -20.86 -20.83 2.78
C GLY A 67 -20.57 -21.03 4.26
N LYS A 68 -20.93 -20.03 5.07
CA LYS A 68 -20.71 -20.10 6.50
C LYS A 68 -22.00 -19.73 7.18
N GLY A 69 -23.13 -19.74 6.45
CA GLY A 69 -24.44 -19.52 7.06
C GLY A 69 -25.12 -18.22 6.71
N LYS A 70 -24.34 -17.25 6.22
CA LYS A 70 -24.91 -15.98 5.76
C LYS A 70 -25.37 -16.11 4.29
N GLU A 71 -26.64 -15.73 4.04
CA GLU A 71 -27.20 -15.65 2.68
C GLU A 71 -27.94 -14.34 2.52
N LEU A 72 -28.08 -13.86 1.28
CA LEU A 72 -28.75 -12.59 0.99
C LEU A 72 -29.36 -12.73 -0.39
N MET A 73 -30.57 -12.22 -0.56
CA MET A 73 -31.22 -12.31 -1.82
C MET A 73 -31.98 -11.03 -2.10
N TRP A 74 -31.83 -10.57 -3.34
CA TRP A 74 -32.56 -9.44 -3.84
C TRP A 74 -33.50 -9.94 -4.93
N ASN A 75 -34.74 -9.49 -4.91
CA ASN A 75 -35.60 -9.61 -6.07
C ASN A 75 -35.26 -8.44 -7.05
N PHE A 76 -35.93 -8.34 -8.19
CA PHE A 76 -35.49 -7.38 -9.21
C PHE A 76 -35.83 -5.97 -8.77
N ARG A 77 -36.97 -5.79 -8.08
CA ARG A 77 -37.27 -4.47 -7.53
C ARG A 77 -36.23 -4.03 -6.52
N GLU A 78 -35.87 -4.91 -5.61
CA GLU A 78 -34.86 -4.58 -4.59
C GLU A 78 -33.51 -4.35 -5.24
N LEU A 79 -33.21 -5.13 -6.26
CA LEU A 79 -31.95 -4.97 -6.99
C LEU A 79 -31.88 -3.64 -7.66
N SER A 80 -32.99 -3.24 -8.30
CA SER A 80 -33.06 -1.95 -8.90
C SER A 80 -32.91 -0.83 -7.87
N GLU A 81 -33.64 -0.95 -6.74
CA GLU A 81 -33.59 0.07 -5.68
C GLU A 81 -32.20 0.19 -5.12
N ASN A 82 -31.61 -0.95 -4.82
CA ASN A 82 -30.33 -0.96 -4.11
C ASN A 82 -29.19 -0.50 -5.03
N SER A 83 -29.30 -0.79 -6.33
CA SER A 83 -28.33 -0.31 -7.31
C SER A 83 -28.60 1.13 -7.69
N GLN A 84 -29.82 1.62 -7.52
CA GLN A 84 -30.03 3.08 -7.62
C GLN A 84 -29.40 3.76 -6.42
N GLN A 85 -29.50 3.17 -5.24
CA GLN A 85 -28.76 3.68 -4.11
C GLN A 85 -27.24 3.74 -4.40
N ALA A 86 -26.69 2.68 -5.02
CA ALA A 86 -25.23 2.60 -5.40
C ALA A 86 -24.87 3.75 -6.34
N ALA A 87 -25.73 3.96 -7.34
CA ALA A 87 -25.52 5.02 -8.31
C ALA A 87 -25.52 6.36 -7.59
N ASN A 88 -26.42 6.51 -6.64
CA ASN A 88 -26.46 7.73 -5.83
C ASN A 88 -25.20 7.90 -4.99
N VAL A 89 -24.76 6.83 -4.34
CA VAL A 89 -23.50 6.90 -3.60
C VAL A 89 -22.40 7.37 -4.51
N LEU A 90 -22.27 6.73 -5.68
CA LEU A 90 -21.20 7.03 -6.57
C LEU A 90 -21.29 8.42 -7.18
N SER A 91 -22.46 8.77 -7.69
CA SER A 91 -22.63 10.02 -8.40
C SER A 91 -22.81 11.19 -7.42
N GLY A 92 -23.40 10.92 -6.26
CA GLY A 92 -23.76 11.97 -5.31
C GLY A 92 -22.72 12.15 -4.21
N ALA A 93 -22.71 11.21 -3.28
CA ALA A 93 -21.80 11.21 -2.17
C ALA A 93 -20.30 11.29 -2.62
N CYS A 94 -19.93 10.55 -3.66
CA CYS A 94 -18.54 10.56 -4.10
C CYS A 94 -18.27 11.52 -5.24
N GLY A 95 -19.32 12.14 -5.77
CA GLY A 95 -19.22 13.14 -6.84
C GLY A 95 -18.61 12.64 -8.15
N LEU A 96 -18.72 11.36 -8.43
CA LEU A 96 -18.18 10.84 -9.68
C LEU A 96 -19.13 11.24 -10.80
N GLN A 97 -18.54 11.79 -11.86
CA GLN A 97 -19.29 12.32 -13.00
C GLN A 97 -19.23 11.34 -14.20
N ARG A 98 -20.27 11.35 -15.02
CA ARG A 98 -20.31 10.68 -16.32
C ARG A 98 -18.95 10.64 -16.99
N GLY A 99 -18.49 9.43 -17.27
CA GLY A 99 -17.21 9.24 -17.93
C GLY A 99 -16.06 9.00 -16.99
N ASP A 100 -16.27 9.20 -15.69
CA ASP A 100 -15.23 8.93 -14.72
C ASP A 100 -14.98 7.45 -14.63
N ARG A 101 -13.71 7.10 -14.48
CA ARG A 101 -13.32 5.69 -14.37
C ARG A 101 -13.17 5.25 -12.91
N VAL A 102 -13.75 4.08 -12.63
CA VAL A 102 -13.88 3.53 -11.28
C VAL A 102 -13.30 2.15 -11.28
N ALA A 103 -12.14 2.03 -10.62
CA ALA A 103 -11.52 0.75 -10.43
C ALA A 103 -12.41 0.00 -9.44
N VAL A 104 -12.64 -1.26 -9.71
CA VAL A 104 -13.39 -2.10 -8.82
C VAL A 104 -12.64 -3.39 -8.51
N VAL A 105 -12.26 -3.53 -7.25
CA VAL A 105 -11.46 -4.64 -6.78
C VAL A 105 -12.10 -5.28 -5.53
N LEU A 106 -13.00 -6.21 -5.78
CA LEU A 106 -13.85 -6.73 -4.73
C LEU A 106 -13.82 -8.24 -4.81
N PRO A 107 -14.01 -8.93 -3.67
CA PRO A 107 -14.25 -10.36 -3.71
C PRO A 107 -15.68 -10.58 -4.22
N ARG A 108 -16.18 -11.80 -4.04
CA ARG A 108 -17.48 -12.18 -4.54
C ARG A 108 -18.52 -11.88 -3.47
N VAL A 109 -18.83 -10.59 -3.38
CA VAL A 109 -19.75 -10.05 -2.43
C VAL A 109 -20.81 -9.33 -3.27
N PRO A 110 -22.05 -9.26 -2.76
CA PRO A 110 -23.08 -8.68 -3.61
C PRO A 110 -22.75 -7.26 -4.08
N GLU A 111 -21.95 -6.53 -3.28
CA GLU A 111 -21.63 -5.15 -3.57
C GLU A 111 -20.89 -4.97 -4.89
N TRP A 112 -20.20 -6.00 -5.36
CA TRP A 112 -19.71 -5.97 -6.71
C TRP A 112 -20.83 -5.77 -7.71
N TRP A 113 -21.87 -6.58 -7.63
CA TRP A 113 -23.02 -6.45 -8.55
C TRP A 113 -23.70 -5.06 -8.42
N LEU A 114 -23.87 -4.58 -7.19
CA LEU A 114 -24.53 -3.31 -6.94
C LEU A 114 -23.67 -2.17 -7.49
N VAL A 115 -22.34 -2.28 -7.32
CA VAL A 115 -21.40 -1.27 -7.72
C VAL A 115 -21.30 -1.16 -9.22
N ILE A 116 -21.25 -2.31 -9.87
CA ILE A 116 -21.21 -2.31 -11.32
C ILE A 116 -22.52 -1.72 -11.89
N LEU A 117 -23.65 -2.17 -11.35
CA LEU A 117 -24.94 -1.59 -11.80
C LEU A 117 -24.96 -0.13 -11.47
N GLY A 118 -24.42 0.24 -10.31
CA GLY A 118 -24.33 1.63 -9.94
C GLY A 118 -23.57 2.43 -10.99
N CYS A 119 -22.42 1.94 -11.42
CA CYS A 119 -21.69 2.60 -12.50
C CYS A 119 -22.47 2.64 -13.81
N ILE A 120 -23.12 1.55 -14.18
CA ILE A 120 -23.88 1.57 -15.44
C ILE A 120 -24.94 2.67 -15.37
N ARG A 121 -25.68 2.72 -14.27
CA ARG A 121 -26.73 3.74 -14.06
C ARG A 121 -26.22 5.19 -14.12
N ALA A 122 -25.03 5.40 -13.56
CA ALA A 122 -24.47 6.72 -13.37
C ALA A 122 -23.56 7.11 -14.54
N GLY A 123 -23.42 6.24 -15.54
CA GLY A 123 -22.55 6.50 -16.69
C GLY A 123 -21.07 6.52 -16.35
N LEU A 124 -20.68 5.76 -15.34
CA LEU A 124 -19.27 5.67 -14.94
C LEU A 124 -18.60 4.45 -15.56
N ILE A 125 -17.33 4.58 -15.93
CA ILE A 125 -16.60 3.47 -16.57
C ILE A 125 -16.04 2.61 -15.46
N PHE A 126 -16.63 1.44 -15.29
CA PHE A 126 -16.15 0.50 -14.27
C PHE A 126 -14.99 -0.33 -14.79
N MET A 127 -14.03 -0.63 -13.91
CA MET A 127 -12.77 -1.24 -14.35
C MET A 127 -12.45 -2.36 -13.39
N PRO A 128 -13.04 -3.53 -13.65
CA PRO A 128 -12.89 -4.55 -12.65
C PRO A 128 -11.52 -5.18 -12.61
N GLY A 129 -11.12 -5.51 -11.40
CA GLY A 129 -9.83 -6.14 -11.19
C GLY A 129 -9.92 -7.19 -10.08
N THR A 130 -8.97 -8.09 -10.09
CA THR A 130 -8.96 -9.14 -9.11
C THR A 130 -8.45 -8.69 -7.74
N ILE A 131 -9.15 -9.16 -6.72
CA ILE A 131 -8.88 -8.92 -5.30
C ILE A 131 -7.49 -9.47 -4.89
N GLN A 132 -6.89 -10.28 -5.75
CA GLN A 132 -5.54 -10.84 -5.57
C GLN A 132 -4.40 -9.96 -6.09
N MET A 133 -4.72 -8.84 -6.67
CA MET A 133 -3.71 -7.98 -7.25
C MET A 133 -2.79 -7.48 -6.18
N LYS A 134 -1.51 -7.37 -6.53
CA LYS A 134 -0.51 -6.74 -5.71
C LYS A 134 -0.38 -5.27 -6.05
N SER A 135 0.30 -4.54 -5.17
CA SER A 135 0.41 -3.08 -5.26
C SER A 135 1.03 -2.59 -6.57
N THR A 136 2.01 -3.30 -7.11
CA THR A 136 2.56 -2.99 -8.42
C THR A 136 1.48 -3.04 -9.50
N ASP A 137 0.61 -4.06 -9.44
CA ASP A 137 -0.46 -4.24 -10.47
C ASP A 137 -1.48 -3.13 -10.31
N ILE A 138 -1.80 -2.84 -9.06
CA ILE A 138 -2.73 -1.79 -8.76
C ILE A 138 -2.21 -0.43 -9.24
N LEU A 139 -0.94 -0.12 -8.93
CA LEU A 139 -0.34 1.17 -9.30
C LEU A 139 -0.40 1.32 -10.80
N TYR A 140 -0.02 0.25 -11.50
CA TYR A 140 -0.01 0.28 -12.94
C TYR A 140 -1.43 0.56 -13.48
N ARG A 141 -2.41 -0.19 -13.00
CA ARG A 141 -3.76 0.02 -13.49
C ARG A 141 -4.32 1.39 -13.16
N LEU A 142 -4.17 1.82 -11.91
CA LEU A 142 -4.71 3.14 -11.50
C LEU A 142 -4.05 4.28 -12.30
N GLN A 143 -2.75 4.20 -12.47
CA GLN A 143 -2.01 5.20 -13.20
C GLN A 143 -2.33 5.17 -14.67
N MET A 144 -2.37 3.97 -15.27
CA MET A 144 -2.61 3.83 -16.68
C MET A 144 -4.03 4.36 -17.01
N SER A 145 -5.00 3.96 -16.21
CA SER A 145 -6.40 4.39 -16.42
C SER A 145 -6.73 5.79 -15.93
N LYS A 146 -5.84 6.39 -15.14
CA LYS A 146 -6.15 7.65 -14.47
C LYS A 146 -7.47 7.52 -13.73
N ALA A 147 -7.64 6.41 -13.02
CA ALA A 147 -8.90 6.16 -12.32
C ALA A 147 -9.15 7.23 -11.25
N LYS A 148 -10.37 7.72 -11.19
CA LYS A 148 -10.75 8.75 -10.21
C LYS A 148 -11.21 8.13 -8.91
N ALA A 149 -11.64 6.88 -8.97
CA ALA A 149 -12.10 6.11 -7.81
C ALA A 149 -11.69 4.63 -7.83
N ILE A 150 -11.55 4.06 -6.64
CA ILE A 150 -11.39 2.64 -6.49
C ILE A 150 -12.43 2.22 -5.44
N VAL A 151 -13.15 1.15 -5.73
CA VAL A 151 -14.01 0.52 -4.80
C VAL A 151 -13.30 -0.78 -4.46
N ALA A 152 -13.01 -0.99 -3.20
CA ALA A 152 -12.17 -2.11 -2.80
C ALA A 152 -12.71 -2.78 -1.57
N GLY A 153 -12.31 -4.04 -1.40
CA GLY A 153 -12.60 -4.83 -0.20
C GLY A 153 -11.46 -4.81 0.77
N ASP A 154 -11.79 -5.24 2.00
CA ASP A 154 -10.85 -5.40 3.11
C ASP A 154 -9.54 -5.99 2.75
N GLU A 155 -9.59 -6.96 1.84
CA GLU A 155 -8.46 -7.83 1.58
C GLU A 155 -7.39 -7.21 0.71
N VAL A 156 -7.71 -6.10 0.06
CA VAL A 156 -6.78 -5.48 -0.85
C VAL A 156 -6.42 -4.07 -0.44
N ILE A 157 -7.07 -3.51 0.58
CA ILE A 157 -6.83 -2.10 0.87
C ILE A 157 -5.41 -1.86 1.33
N GLN A 158 -4.79 -2.82 2.01
CA GLN A 158 -3.40 -2.65 2.46
CA GLN A 158 -3.43 -2.63 2.45
C GLN A 158 -2.52 -2.49 1.24
N GLU A 159 -2.80 -3.27 0.20
CA GLU A 159 -2.00 -3.16 -1.05
C GLU A 159 -2.29 -1.82 -1.74
N VAL A 160 -3.56 -1.50 -1.84
CA VAL A 160 -3.92 -0.24 -2.43
C VAL A 160 -3.25 0.92 -1.71
N ASP A 161 -3.29 0.89 -0.38
CA ASP A 161 -2.79 2.01 0.40
C ASP A 161 -1.27 2.16 0.31
N THR A 162 -0.59 1.13 -0.16
CA THR A 162 0.86 1.26 -0.39
C THR A 162 1.17 2.14 -1.59
N VAL A 163 0.22 2.26 -2.51
CA VAL A 163 0.49 2.97 -3.75
C VAL A 163 -0.54 4.06 -4.11
N ALA A 164 -1.66 4.13 -3.40
CA ALA A 164 -2.74 5.05 -3.75
C ALA A 164 -2.23 6.48 -3.82
N SER A 165 -1.31 6.80 -2.93
CA SER A 165 -0.73 8.11 -2.84
C SER A 165 0.10 8.51 -4.09
N GLU A 166 0.49 7.56 -4.92
CA GLU A 166 1.20 7.89 -6.16
C GLU A 166 0.31 8.04 -7.41
N CYS A 167 -1.00 8.03 -7.22
CA CYS A 167 -1.97 8.10 -8.32
C CYS A 167 -2.69 9.43 -8.18
N PRO A 168 -2.19 10.47 -8.86
CA PRO A 168 -2.77 11.78 -8.62
C PRO A 168 -4.24 11.92 -9.04
N SER A 169 -4.74 11.08 -9.93
CA SER A 169 -6.17 11.20 -10.33
C SER A 169 -7.13 10.55 -9.35
N LEU A 170 -6.61 9.73 -8.43
CA LEU A 170 -7.47 8.96 -7.54
C LEU A 170 -7.99 9.83 -6.39
N ARG A 171 -9.28 10.11 -6.41
CA ARG A 171 -9.85 11.09 -5.52
C ARG A 171 -10.68 10.35 -4.50
N ILE A 172 -11.28 9.24 -4.92
CA ILE A 172 -12.26 8.54 -4.07
C ILE A 172 -11.78 7.11 -3.81
N LYS A 173 -11.74 6.74 -2.54
CA LYS A 173 -11.46 5.38 -2.10
C LYS A 173 -12.69 4.92 -1.31
N LEU A 174 -13.43 3.98 -1.89
CA LEU A 174 -14.66 3.47 -1.30
C LEU A 174 -14.36 2.07 -0.84
N LEU A 175 -14.57 1.83 0.45
CA LEU A 175 -14.33 0.54 1.03
C LEU A 175 -15.67 -0.20 1.20
N VAL A 176 -15.70 -1.44 0.72
CA VAL A 176 -16.79 -2.41 1.02
C VAL A 176 -16.21 -3.30 2.11
N SER A 177 -16.74 -3.20 3.31
CA SER A 177 -16.24 -3.92 4.47
C SER A 177 -17.23 -3.79 5.58
N GLU A 178 -17.19 -4.71 6.52
CA GLU A 178 -18.03 -4.63 7.72
C GLU A 178 -17.40 -3.65 8.71
N LYS A 179 -16.14 -3.26 8.46
CA LYS A 179 -15.43 -2.28 9.30
C LYS A 179 -15.14 -1.03 8.52
N SER A 180 -14.74 0.01 9.22
CA SER A 180 -14.33 1.26 8.59
C SER A 180 -12.83 1.27 8.55
N CYS A 181 -12.26 2.06 7.66
CA CYS A 181 -10.82 2.30 7.67
CA CYS A 181 -10.82 2.29 7.65
C CYS A 181 -10.58 3.77 7.40
N ASP A 182 -9.76 4.41 8.23
CA ASP A 182 -9.34 5.79 7.99
C ASP A 182 -8.90 5.98 6.55
N GLY A 183 -9.32 7.08 5.95
CA GLY A 183 -9.04 7.34 4.52
C GLY A 183 -9.91 6.66 3.48
N TRP A 184 -10.83 5.80 3.92
CA TRP A 184 -11.74 5.11 3.01
C TRP A 184 -13.16 5.47 3.33
N LEU A 185 -13.96 5.78 2.30
CA LEU A 185 -15.39 5.92 2.42
C LEU A 185 -16.06 4.57 2.66
N ASN A 186 -17.03 4.57 3.56
CA ASN A 186 -17.78 3.42 3.95
C ASN A 186 -18.95 3.18 2.99
N PHE A 187 -18.71 2.37 1.97
CA PHE A 187 -19.70 2.14 0.95
C PHE A 187 -21.02 1.64 1.51
N LYS A 188 -20.98 0.63 2.37
CA LYS A 188 -22.25 0.01 2.78
C LYS A 188 -23.14 0.96 3.60
N LYS A 189 -22.53 1.81 4.42
CA LYS A 189 -23.29 2.77 5.19
C LYS A 189 -23.80 3.88 4.25
N LEU A 190 -22.95 4.31 3.32
CA LEU A 190 -23.40 5.33 2.34
C LEU A 190 -24.56 4.82 1.49
N LEU A 191 -24.50 3.54 1.12
CA LEU A 191 -25.55 2.90 0.38
C LEU A 191 -26.87 2.97 1.10
N ASN A 192 -26.79 2.74 2.41
CA ASN A 192 -27.96 2.62 3.21
C ASN A 192 -28.66 3.92 3.37
N GLU A 193 -27.84 4.97 3.41
CA GLU A 193 -28.29 6.35 3.50
C GLU A 193 -28.75 6.91 2.14
N ALA A 194 -28.44 6.25 1.02
CA ALA A 194 -28.69 6.84 -0.29
C ALA A 194 -30.16 6.68 -0.65
N SER A 195 -30.64 7.54 -1.53
CA SER A 195 -32.03 7.41 -2.01
C SER A 195 -32.19 6.21 -2.98
N THR A 196 -33.31 5.53 -2.91
CA THR A 196 -33.59 4.45 -3.86
C THR A 196 -34.08 4.95 -5.22
N THR A 197 -34.04 6.26 -5.46
CA THR A 197 -34.33 6.82 -6.76
C THR A 197 -33.12 7.47 -7.36
N HIS A 198 -32.73 6.97 -8.52
CA HIS A 198 -31.67 7.58 -9.31
C HIS A 198 -32.17 7.63 -10.74
N HIS A 199 -31.98 8.77 -11.40
CA HIS A 199 -32.37 8.89 -12.79
C HIS A 199 -31.23 8.27 -13.64
N CYS A 200 -31.49 7.14 -14.31
CA CYS A 200 -30.48 6.47 -15.12
C CYS A 200 -29.97 7.39 -16.22
N VAL A 201 -28.66 7.47 -16.38
CA VAL A 201 -28.09 8.26 -17.46
C VAL A 201 -28.47 7.66 -18.78
N GLU A 202 -28.82 8.51 -19.73
CA GLU A 202 -29.20 8.06 -21.06
C GLU A 202 -27.94 7.83 -21.88
N THR A 203 -27.27 6.73 -21.57
CA THR A 203 -25.96 6.46 -22.13
C THR A 203 -26.03 6.10 -23.61
N GLY A 204 -25.04 6.52 -24.38
CA GLY A 204 -24.95 6.15 -25.79
C GLY A 204 -24.51 4.71 -25.95
N SER A 205 -25.04 4.06 -26.98
CA SER A 205 -24.72 2.66 -27.27
C SER A 205 -23.24 2.47 -27.42
N GLN A 206 -22.53 3.48 -27.93
CA GLN A 206 -21.11 3.36 -28.22
CA GLN A 206 -21.10 3.32 -28.16
C GLN A 206 -20.26 4.07 -27.14
N GLU A 207 -20.92 4.67 -26.16
CA GLU A 207 -20.25 5.31 -25.04
C GLU A 207 -19.56 4.29 -24.12
N ALA A 208 -18.41 4.67 -23.58
CA ALA A 208 -17.57 3.75 -22.83
C ALA A 208 -18.28 3.39 -21.55
N SER A 209 -18.37 2.09 -21.32
CA SER A 209 -18.95 1.57 -20.09
C SER A 209 -17.94 0.91 -19.16
N ALA A 210 -16.94 0.25 -19.71
CA ALA A 210 -16.00 -0.49 -18.92
C ALA A 210 -14.65 -0.55 -19.55
N ILE A 211 -13.64 -0.68 -18.72
CA ILE A 211 -12.30 -0.98 -19.17
C ILE A 211 -11.80 -2.21 -18.42
N TYR A 212 -11.40 -3.19 -19.21
CA TYR A 212 -10.78 -4.41 -18.78
C TYR A 212 -9.35 -4.45 -19.26
N PHE A 213 -8.46 -4.65 -18.31
CA PHE A 213 -7.03 -4.74 -18.63
C PHE A 213 -6.80 -6.12 -19.15
N THR A 214 -6.02 -6.21 -20.21
CA THR A 214 -5.72 -7.48 -20.81
C THR A 214 -4.43 -7.97 -20.17
N SER A 215 -3.81 -8.93 -20.84
CA SER A 215 -2.37 -8.94 -21.10
C SER A 215 -2.17 -9.32 -22.57
N GLY A 216 -1.83 -8.36 -23.43
CA GLY A 216 -1.57 -8.67 -24.84
C GLY A 216 -0.09 -8.76 -25.18
N GLY A 219 3.02 -8.13 -24.38
CA GLY A 219 3.64 -7.01 -23.68
C GLY A 219 2.85 -6.55 -22.45
N LEU A 220 2.98 -5.27 -22.11
CA LEU A 220 2.31 -4.69 -20.95
C LEU A 220 0.77 -4.73 -21.11
N PRO A 221 0.05 -4.76 -20.00
CA PRO A 221 -1.41 -4.79 -20.10
C PRO A 221 -1.98 -3.62 -20.85
N LYS A 222 -2.96 -3.92 -21.69
CA LYS A 222 -3.67 -2.95 -22.49
C LYS A 222 -5.05 -2.69 -21.89
N MET A 223 -5.61 -1.51 -22.13
CA MET A 223 -6.93 -1.20 -21.62
C MET A 223 -7.95 -1.46 -22.73
N ALA A 224 -8.69 -2.55 -22.61
CA ALA A 224 -9.76 -2.87 -23.54
C ALA A 224 -11.05 -2.16 -23.13
N GLU A 225 -11.44 -1.14 -23.89
CA GLU A 225 -12.66 -0.40 -23.59
C GLU A 225 -13.88 -1.02 -24.27
N HIS A 226 -14.91 -1.26 -23.46
CA HIS A 226 -16.20 -1.77 -23.94
C HIS A 226 -17.26 -0.72 -23.76
N SER A 227 -18.25 -0.75 -24.66
CA SER A 227 -19.33 0.20 -24.62
C SER A 227 -20.56 -0.37 -23.93
N TYR A 228 -21.56 0.48 -23.70
CA TYR A 228 -22.82 0.04 -23.15
C TYR A 228 -23.46 -1.03 -24.01
N SER A 229 -23.28 -0.93 -25.32
CA SER A 229 -23.89 -1.92 -26.21
C SER A 229 -23.01 -3.13 -26.36
N SER A 230 -21.70 -2.96 -26.40
CA SER A 230 -20.80 -4.10 -26.64
C SER A 230 -20.88 -5.09 -25.48
N LEU A 231 -21.22 -4.61 -24.28
CA LEU A 231 -21.53 -5.48 -23.17
C LEU A 231 -23.02 -5.81 -23.12
N GLY A 232 -23.87 -4.83 -22.88
CA GLY A 232 -25.24 -5.09 -22.49
C GLY A 232 -26.10 -5.52 -23.63
N LEU A 233 -25.87 -4.94 -24.81
CA LEU A 233 -26.80 -5.23 -25.93
C LEU A 233 -26.41 -6.58 -26.46
N LYS A 234 -25.10 -6.81 -26.52
CA LYS A 234 -24.58 -8.07 -26.98
C LYS A 234 -25.09 -9.15 -26.05
N ALA A 235 -25.00 -8.90 -24.75
CA ALA A 235 -25.53 -9.83 -23.76
C ALA A 235 -27.01 -10.11 -24.00
N LYS A 236 -27.78 -9.08 -24.25
CA LYS A 236 -29.22 -9.23 -24.58
C LYS A 236 -29.39 -10.17 -25.80
N MET A 237 -28.55 -10.01 -26.80
CA MET A 237 -28.64 -10.83 -27.98
C MET A 237 -28.18 -12.28 -27.74
N ASP A 238 -27.15 -12.46 -26.93
CA ASP A 238 -26.65 -13.79 -26.62
C ASP A 238 -27.57 -14.55 -25.67
N ALA A 239 -28.46 -13.82 -25.01
CA ALA A 239 -29.12 -14.30 -23.81
C ALA A 239 -29.90 -15.57 -24.01
N GLY A 240 -29.59 -16.52 -23.15
CA GLY A 240 -30.14 -17.86 -23.21
C GLY A 240 -29.33 -18.85 -24.00
N TRP A 241 -28.20 -18.45 -24.58
CA TRP A 241 -27.37 -19.45 -25.26
C TRP A 241 -26.99 -20.59 -24.30
N THR A 242 -26.87 -20.27 -23.00
CA THR A 242 -26.49 -21.24 -21.94
C THR A 242 -27.58 -22.25 -21.71
N GLY A 243 -28.81 -21.91 -22.13
CA GLY A 243 -30.00 -22.72 -21.85
C GLY A 243 -30.77 -22.15 -20.67
N LEU A 244 -30.21 -21.15 -20.01
CA LEU A 244 -30.90 -20.51 -18.91
C LEU A 244 -32.25 -19.92 -19.34
N GLN A 245 -33.25 -20.08 -18.48
CA GLN A 245 -34.58 -19.49 -18.64
C GLN A 245 -34.94 -18.55 -17.48
N ALA A 246 -36.01 -17.80 -17.69
CA ALA A 246 -36.42 -16.71 -16.80
C ALA A 246 -36.59 -17.12 -15.34
N SER A 247 -37.03 -18.33 -15.07
CA SER A 247 -37.26 -18.64 -13.65
C SER A 247 -36.20 -19.56 -13.04
N ASP A 248 -35.01 -19.49 -13.62
CA ASP A 248 -33.91 -20.36 -13.24
C ASP A 248 -32.87 -19.60 -12.49
N ILE A 249 -31.93 -20.37 -11.92
CA ILE A 249 -30.80 -19.88 -11.18
C ILE A 249 -29.52 -20.28 -11.88
N MET A 250 -28.71 -19.30 -12.24
CA MET A 250 -27.42 -19.62 -12.79
C MET A 250 -26.31 -19.29 -11.83
N TRP A 251 -25.33 -20.18 -11.72
CA TRP A 251 -24.10 -19.94 -10.97
C TRP A 251 -22.90 -19.82 -11.88
N THR A 252 -22.40 -18.60 -12.02
CA THR A 252 -21.16 -18.39 -12.75
C THR A 252 -20.06 -18.31 -11.70
N ILE A 253 -19.03 -19.14 -11.89
CA ILE A 253 -17.92 -19.25 -11.00
C ILE A 253 -16.78 -18.49 -11.61
N SER A 254 -16.48 -17.33 -11.05
CA SER A 254 -15.57 -16.45 -11.70
C SER A 254 -14.93 -15.50 -10.69
N ASP A 255 -13.72 -15.06 -10.96
CA ASP A 255 -13.19 -13.89 -10.31
C ASP A 255 -14.02 -12.72 -10.78
N THR A 256 -14.36 -11.82 -9.86
CA THR A 256 -15.14 -10.69 -10.21
C THR A 256 -14.43 -9.73 -11.16
N GLY A 257 -13.12 -9.87 -11.29
CA GLY A 257 -12.30 -9.02 -12.15
C GLY A 257 -12.34 -9.45 -13.60
N TRP A 258 -12.82 -10.67 -13.88
CA TRP A 258 -12.79 -11.20 -15.25
C TRP A 258 -14.00 -10.75 -16.00
N ILE A 259 -13.85 -10.45 -17.29
CA ILE A 259 -14.98 -10.03 -18.08
C ILE A 259 -16.06 -11.13 -18.08
N LEU A 260 -15.66 -12.37 -17.85
CA LEU A 260 -16.66 -13.39 -17.66
C LEU A 260 -17.72 -13.03 -16.63
N ASN A 261 -17.31 -12.42 -15.54
CA ASN A 261 -18.22 -12.05 -14.51
C ASN A 261 -19.32 -11.09 -15.01
N ILE A 262 -18.99 -10.06 -15.78
CA ILE A 262 -20.02 -9.15 -16.30
C ILE A 262 -20.97 -9.89 -17.28
N LEU A 263 -20.38 -10.65 -18.18
CA LEU A 263 -21.13 -11.30 -19.24
C LEU A 263 -22.05 -12.40 -18.72
N CYS A 264 -21.53 -13.28 -17.87
CA CYS A 264 -22.29 -14.46 -17.46
CA CYS A 264 -22.26 -14.47 -17.45
C CYS A 264 -22.89 -14.39 -16.04
N SER A 265 -22.20 -13.75 -15.10
CA SER A 265 -22.72 -13.59 -13.79
C SER A 265 -23.78 -12.53 -13.68
N LEU A 266 -23.67 -11.50 -14.51
CA LEU A 266 -24.53 -10.37 -14.39
C LEU A 266 -25.48 -10.32 -15.59
N MET A 267 -24.94 -10.22 -16.80
CA MET A 267 -25.83 -9.87 -17.90
C MET A 267 -26.70 -10.98 -18.43
N GLU A 268 -26.15 -12.18 -18.51
CA GLU A 268 -26.88 -13.33 -19.05
C GLU A 268 -28.15 -13.56 -18.21
N PRO A 269 -28.00 -13.75 -16.89
CA PRO A 269 -29.20 -14.03 -16.15
C PRO A 269 -30.16 -12.85 -16.16
N TRP A 270 -29.60 -11.66 -16.05
CA TRP A 270 -30.48 -10.54 -15.94
C TRP A 270 -31.16 -10.12 -17.21
N ALA A 271 -30.55 -10.42 -18.36
CA ALA A 271 -31.24 -10.21 -19.63
C ALA A 271 -32.50 -11.03 -19.63
N LEU A 272 -32.48 -12.17 -18.98
CA LEU A 272 -33.59 -13.12 -19.00
C LEU A 272 -34.54 -12.98 -17.81
N GLY A 273 -34.14 -12.19 -16.81
CA GLY A 273 -34.96 -12.03 -15.63
C GLY A 273 -34.78 -13.23 -14.70
N ALA A 274 -33.71 -13.99 -14.91
CA ALA A 274 -33.34 -15.16 -14.08
C ALA A 274 -32.49 -14.65 -12.90
N CYS A 275 -32.20 -15.53 -11.96
CA CYS A 275 -31.42 -15.20 -10.80
C CYS A 275 -29.95 -15.59 -11.00
N THR A 276 -29.07 -14.73 -10.54
CA THR A 276 -27.67 -15.09 -10.50
C THR A 276 -27.30 -15.50 -9.12
N PHE A 277 -26.62 -16.63 -9.01
CA PHE A 277 -26.21 -17.18 -7.71
C PHE A 277 -24.72 -16.83 -7.52
N VAL A 278 -24.38 -16.31 -6.35
CA VAL A 278 -22.98 -15.98 -6.06
C VAL A 278 -22.54 -16.57 -4.76
N HIS A 279 -21.45 -17.33 -4.79
CA HIS A 279 -20.84 -17.91 -3.59
C HIS A 279 -19.53 -17.17 -3.36
N LEU A 280 -19.34 -16.66 -2.15
CA LEU A 280 -18.10 -16.03 -1.77
C LEU A 280 -16.94 -16.91 -2.20
N LEU A 281 -17.06 -18.20 -1.91
CA LEU A 281 -16.07 -19.17 -2.37
C LEU A 281 -14.65 -18.66 -2.07
N PRO A 282 -14.38 -18.31 -0.81
CA PRO A 282 -13.10 -17.72 -0.43
C PRO A 282 -11.87 -18.60 -0.77
N LYS A 283 -12.07 -19.92 -0.81
CA LYS A 283 -11.07 -20.86 -1.26
C LYS A 283 -11.68 -21.58 -2.46
N PHE A 284 -10.88 -21.92 -3.45
CA PHE A 284 -11.43 -22.51 -4.66
C PHE A 284 -11.71 -23.97 -4.37
N ASP A 285 -12.59 -24.22 -3.40
CA ASP A 285 -12.62 -25.53 -2.78
C ASP A 285 -13.59 -26.38 -3.56
N PRO A 286 -13.08 -27.39 -4.27
CA PRO A 286 -14.00 -28.17 -5.07
C PRO A 286 -15.13 -28.79 -4.24
N LEU A 287 -14.88 -29.20 -3.00
CA LEU A 287 -15.95 -29.80 -2.20
C LEU A 287 -17.01 -28.76 -1.83
N VAL A 288 -16.60 -27.50 -1.66
CA VAL A 288 -17.57 -26.44 -1.36
C VAL A 288 -18.45 -26.24 -2.58
N ILE A 289 -17.85 -26.37 -3.75
CA ILE A 289 -18.58 -26.20 -4.97
C ILE A 289 -19.62 -27.31 -5.13
N LEU A 290 -19.20 -28.55 -4.97
CA LEU A 290 -20.10 -29.69 -5.06
C LEU A 290 -21.26 -29.61 -4.07
N LYS A 291 -20.92 -29.31 -2.84
CA LYS A 291 -21.92 -29.18 -1.79
C LYS A 291 -22.91 -28.12 -2.17
N THR A 292 -22.41 -27.03 -2.74
CA THR A 292 -23.29 -25.94 -3.14
C THR A 292 -24.21 -26.38 -4.24
N LEU A 293 -23.65 -26.98 -5.28
CA LEU A 293 -24.48 -27.47 -6.37
C LEU A 293 -25.55 -28.41 -5.84
N SER A 294 -25.17 -29.24 -4.90
CA SER A 294 -26.05 -30.21 -4.31
C SER A 294 -27.12 -29.62 -3.35
N SER A 295 -26.86 -28.45 -2.80
CA SER A 295 -27.69 -27.89 -1.73
C SER A 295 -28.57 -26.74 -2.12
N TYR A 296 -28.40 -26.27 -3.34
CA TYR A 296 -29.19 -25.21 -3.86
C TYR A 296 -29.77 -25.59 -5.21
N PRO A 297 -30.93 -24.97 -5.56
CA PRO A 297 -31.61 -25.27 -6.82
C PRO A 297 -31.00 -24.52 -8.04
N ILE A 298 -29.71 -24.78 -8.24
CA ILE A 298 -28.94 -24.14 -9.29
C ILE A 298 -29.13 -24.95 -10.55
N LYS A 299 -29.58 -24.31 -11.61
CA LYS A 299 -29.91 -25.05 -12.81
C LYS A 299 -28.86 -24.97 -13.91
N SER A 300 -28.12 -23.88 -13.92
CA SER A 300 -27.05 -23.62 -14.86
C SER A 300 -25.81 -23.18 -14.12
N MET A 301 -24.67 -23.60 -14.65
CA MET A 301 -23.41 -23.18 -14.14
C MET A 301 -22.44 -22.88 -15.26
N MET A 302 -21.57 -21.92 -14.98
CA MET A 302 -20.52 -21.57 -15.90
C MET A 302 -19.25 -21.57 -15.10
N GLY A 303 -18.23 -22.21 -15.65
CA GLY A 303 -16.94 -22.11 -15.07
C GLY A 303 -15.87 -22.45 -16.06
N ALA A 304 -14.63 -22.11 -15.73
CA ALA A 304 -13.48 -22.53 -16.51
C ALA A 304 -13.34 -24.04 -16.48
N PRO A 305 -12.70 -24.63 -17.49
CA PRO A 305 -12.61 -26.11 -17.47
C PRO A 305 -12.06 -26.74 -16.20
N ILE A 306 -11.11 -26.04 -15.56
CA ILE A 306 -10.47 -26.51 -14.32
C ILE A 306 -11.54 -26.79 -13.26
N VAL A 307 -12.63 -26.02 -13.26
CA VAL A 307 -13.67 -26.21 -12.25
C VAL A 307 -14.23 -27.61 -12.41
N TYR A 308 -14.50 -27.96 -13.65
CA TYR A 308 -15.05 -29.24 -13.97
C TYR A 308 -14.04 -30.36 -13.68
N ARG A 309 -12.76 -30.17 -14.05
CA ARG A 309 -11.74 -31.21 -13.78
C ARG A 309 -11.59 -31.44 -12.26
N MET A 310 -11.64 -30.37 -11.48
CA MET A 310 -11.58 -30.48 -10.04
C MET A 310 -12.75 -31.24 -9.47
N LEU A 311 -13.93 -30.92 -9.97
CA LEU A 311 -15.13 -31.57 -9.49
C LEU A 311 -15.04 -33.03 -9.80
N LEU A 312 -14.48 -33.37 -10.96
CA LEU A 312 -14.26 -34.76 -11.34
C LEU A 312 -13.20 -35.48 -10.47
N GLN A 313 -12.36 -34.73 -9.76
CA GLN A 313 -11.43 -35.29 -8.76
C GLN A 313 -12.16 -35.67 -7.50
N GLN A 314 -13.43 -35.34 -7.42
CA GLN A 314 -14.21 -35.81 -6.32
C GLN A 314 -14.91 -37.08 -6.78
N ASP A 315 -15.34 -37.84 -5.80
CA ASP A 315 -16.32 -38.89 -5.99
C ASP A 315 -17.61 -38.10 -5.80
N LEU A 316 -18.13 -37.64 -6.93
CA LEU A 316 -19.28 -36.75 -6.98
C LEU A 316 -20.53 -37.40 -6.35
N SER A 317 -20.45 -38.74 -6.20
CA SER A 317 -21.63 -39.54 -5.89
C SER A 317 -22.30 -39.31 -4.55
N SER A 318 -21.58 -38.76 -3.58
CA SER A 318 -22.20 -38.41 -2.30
C SER A 318 -22.98 -37.10 -2.39
N TYR A 319 -22.78 -36.36 -3.48
CA TYR A 319 -23.37 -35.05 -3.64
C TYR A 319 -23.95 -34.93 -5.04
N LYS A 320 -25.11 -35.54 -5.20
CA LYS A 320 -25.83 -35.46 -6.41
C LYS A 320 -26.34 -34.05 -6.56
N PHE A 321 -26.41 -33.60 -7.81
CA PHE A 321 -27.02 -32.32 -8.10
C PHE A 321 -27.99 -32.44 -9.27
N PRO A 322 -29.17 -33.04 -9.00
CA PRO A 322 -30.21 -33.37 -9.97
C PRO A 322 -30.90 -32.17 -10.58
N HIS A 323 -30.83 -31.02 -9.90
CA HIS A 323 -31.41 -29.82 -10.42
C HIS A 323 -30.59 -29.19 -11.58
N LEU A 324 -29.29 -29.42 -11.58
CA LEU A 324 -28.38 -28.84 -12.56
C LEU A 324 -28.70 -29.41 -13.95
N GLN A 325 -28.87 -28.52 -14.90
CA GLN A 325 -29.25 -28.91 -16.25
C GLN A 325 -28.23 -28.45 -17.27
N ASN A 326 -27.65 -27.28 -17.06
CA ASN A 326 -26.81 -26.61 -18.05
C ASN A 326 -25.43 -26.31 -17.47
N CYS A 327 -24.41 -26.84 -18.13
CA CYS A 327 -23.01 -26.66 -17.76
C CYS A 327 -22.26 -26.11 -18.95
N VAL A 328 -21.74 -24.89 -18.80
CA VAL A 328 -21.02 -24.26 -19.86
C VAL A 328 -19.68 -23.93 -19.30
N THR A 329 -18.77 -23.61 -20.22
CA THR A 329 -17.40 -23.37 -19.88
C THR A 329 -16.78 -22.43 -20.94
N VAL A 330 -15.80 -21.68 -20.50
CA VAL A 330 -15.00 -20.83 -21.38
C VAL A 330 -13.63 -20.72 -20.77
N GLY A 331 -12.66 -20.28 -21.57
CA GLY A 331 -11.34 -19.84 -21.08
C GLY A 331 -10.17 -20.71 -21.51
N GLU A 332 -10.47 -21.96 -21.82
CA GLU A 332 -9.44 -22.91 -22.15
C GLU A 332 -10.13 -23.99 -22.94
N SER A 333 -9.38 -24.67 -23.79
CA SER A 333 -9.93 -25.82 -24.53
C SER A 333 -10.52 -26.87 -23.58
N LEU A 334 -11.77 -27.24 -23.78
CA LEU A 334 -12.37 -28.31 -22.99
C LEU A 334 -11.89 -29.59 -23.61
N LEU A 335 -11.09 -30.30 -22.86
CA LEU A 335 -10.59 -31.59 -23.32
C LEU A 335 -11.75 -32.53 -23.51
N PRO A 336 -11.78 -33.24 -24.64
CA PRO A 336 -12.73 -34.32 -24.86
C PRO A 336 -12.85 -35.30 -23.69
N GLU A 337 -11.72 -35.65 -23.10
CA GLU A 337 -11.70 -36.48 -21.90
C GLU A 337 -12.52 -35.89 -20.75
N THR A 338 -12.45 -34.57 -20.59
CA THR A 338 -13.16 -33.90 -19.47
C THR A 338 -14.66 -33.94 -19.78
N LEU A 339 -15.04 -33.57 -20.99
CA LEU A 339 -16.44 -33.72 -21.43
C LEU A 339 -16.99 -35.16 -21.20
N GLU A 340 -16.21 -36.13 -21.66
CA GLU A 340 -16.58 -37.54 -21.55
CA GLU A 340 -16.61 -37.52 -21.54
C GLU A 340 -16.76 -37.90 -20.08
N ASN A 341 -15.83 -37.45 -19.26
N ASN A 341 -15.78 -37.53 -19.25
CA ASN A 341 -15.82 -37.90 -17.92
CA ASN A 341 -15.80 -37.85 -17.80
C ASN A 341 -16.85 -37.15 -17.06
C ASN A 341 -17.04 -37.23 -17.20
N TRP A 342 -17.25 -35.95 -17.49
CA TRP A 342 -18.37 -35.25 -16.88
C TRP A 342 -19.71 -35.88 -17.31
N ARG A 343 -19.86 -36.19 -18.59
CA ARG A 343 -21.04 -36.93 -19.05
C ARG A 343 -21.22 -38.21 -18.26
N ALA A 344 -20.11 -38.91 -18.02
CA ALA A 344 -20.09 -40.22 -17.31
C ALA A 344 -20.63 -40.10 -15.92
N GLN A 345 -20.08 -39.13 -15.20
CA GLN A 345 -20.28 -39.01 -13.80
C GLN A 345 -21.60 -38.29 -13.52
N THR A 346 -22.01 -37.34 -14.36
CA THR A 346 -23.19 -36.50 -14.06
C THR A 346 -24.38 -36.71 -14.97
N GLY A 347 -24.13 -37.32 -16.12
CA GLY A 347 -25.12 -37.41 -17.17
C GLY A 347 -25.32 -36.07 -17.88
N LEU A 348 -24.53 -35.05 -17.58
CA LEU A 348 -24.68 -33.75 -18.27
C LEU A 348 -23.61 -33.48 -19.30
N ASP A 349 -23.99 -32.71 -20.28
CA ASP A 349 -23.04 -32.17 -21.23
C ASP A 349 -22.26 -31.02 -20.60
N ILE A 350 -21.14 -30.67 -21.23
CA ILE A 350 -20.55 -29.38 -20.98
C ILE A 350 -20.54 -28.72 -22.32
N ARG A 351 -21.15 -27.54 -22.41
CA ARG A 351 -21.14 -26.80 -23.67
C ARG A 351 -20.10 -25.68 -23.61
N GLU A 352 -19.13 -25.78 -24.50
CA GLU A 352 -17.99 -24.89 -24.54
C GLU A 352 -18.35 -23.57 -25.24
N SER A 353 -17.60 -22.55 -24.85
CA SER A 353 -17.72 -21.25 -25.44
C SER A 353 -16.30 -20.74 -25.54
N TYR A 354 -16.13 -19.69 -26.33
CA TYR A 354 -14.85 -19.12 -26.65
C TYR A 354 -14.96 -17.63 -26.81
N GLY A 355 -13.96 -16.93 -26.32
CA GLY A 355 -13.99 -15.50 -26.34
C GLY A 355 -12.72 -14.93 -25.75
N GLN A 356 -12.58 -13.62 -25.86
CA GLN A 356 -11.50 -12.96 -25.24
C GLN A 356 -12.04 -11.65 -24.71
N THR A 357 -11.23 -10.98 -23.91
CA THR A 357 -11.63 -9.70 -23.34
C THR A 357 -12.15 -8.72 -24.44
N GLU A 358 -11.46 -8.68 -25.57
CA GLU A 358 -11.80 -7.71 -26.61
C GLU A 358 -13.13 -8.00 -27.32
N THR A 359 -13.57 -9.25 -27.31
CA THR A 359 -14.67 -9.71 -28.14
C THR A 359 -15.83 -10.34 -27.37
N GLY A 360 -15.63 -10.53 -26.07
CA GLY A 360 -16.63 -11.21 -25.28
C GLY A 360 -16.84 -12.59 -25.89
N LEU A 361 -18.10 -13.05 -25.81
CA LEU A 361 -18.51 -14.39 -26.26
CA LEU A 361 -18.42 -14.39 -26.24
C LEU A 361 -18.48 -14.40 -27.76
N THR A 362 -17.59 -15.22 -28.33
CA THR A 362 -17.26 -15.17 -29.79
C THR A 362 -17.77 -16.39 -30.51
N CYS A 363 -17.52 -17.56 -29.91
CA CYS A 363 -18.04 -18.80 -30.42
C CYS A 363 -18.65 -19.57 -29.26
N MET A 364 -19.74 -20.28 -29.51
CA MET A 364 -20.27 -21.14 -28.46
C MET A 364 -21.05 -22.29 -29.00
N VAL A 365 -21.15 -23.33 -28.17
CA VAL A 365 -22.13 -24.39 -28.39
C VAL A 365 -23.37 -23.97 -27.58
N SER A 366 -24.42 -23.57 -28.29
CA SER A 366 -25.64 -23.20 -27.61
C SER A 366 -26.40 -24.47 -27.25
N LYS A 367 -27.47 -24.29 -26.44
CA LYS A 367 -28.15 -25.43 -25.85
C LYS A 367 -28.78 -26.32 -26.93
N THR A 368 -29.18 -25.74 -28.06
CA THR A 368 -29.80 -26.55 -29.09
C THR A 368 -28.82 -27.20 -30.06
N MET A 369 -27.54 -26.84 -29.97
CA MET A 369 -26.51 -27.36 -30.88
C MET A 369 -25.93 -28.69 -30.40
N LYS A 370 -25.58 -29.56 -31.34
CA LYS A 370 -24.93 -30.81 -30.98
C LYS A 370 -23.51 -30.50 -30.54
N ILE A 371 -23.01 -31.24 -29.56
CA ILE A 371 -21.63 -31.07 -29.08
C ILE A 371 -20.69 -31.84 -29.98
N LYS A 372 -19.61 -31.20 -30.41
CA LYS A 372 -18.54 -31.89 -31.10
C LYS A 372 -17.36 -31.81 -30.19
N PRO A 373 -16.95 -32.93 -29.61
CA PRO A 373 -15.82 -32.83 -28.70
C PRO A 373 -14.55 -32.26 -29.33
N GLY A 374 -13.82 -31.42 -28.58
CA GLY A 374 -12.65 -30.72 -29.16
C GLY A 374 -12.96 -29.49 -30.00
N TYR A 375 -14.24 -29.21 -30.25
CA TYR A 375 -14.68 -27.97 -30.92
C TYR A 375 -15.45 -27.03 -29.95
N MET A 376 -15.21 -25.75 -30.16
CA MET A 376 -15.82 -24.75 -29.29
CA MET A 376 -15.73 -24.65 -29.38
C MET A 376 -17.09 -24.11 -29.87
N GLY A 377 -17.70 -24.74 -30.85
CA GLY A 377 -18.94 -24.23 -31.41
C GLY A 377 -18.83 -23.29 -32.58
N THR A 378 -19.88 -22.51 -32.76
CA THR A 378 -20.03 -21.65 -33.92
C THR A 378 -20.19 -20.21 -33.47
N ALA A 379 -20.24 -19.29 -34.44
CA ALA A 379 -20.24 -17.88 -34.18
C ALA A 379 -21.34 -17.48 -33.21
N ALA A 380 -21.00 -16.58 -32.32
CA ALA A 380 -22.01 -15.84 -31.61
C ALA A 380 -22.80 -15.00 -32.58
N SER A 381 -24.07 -14.82 -32.26
CA SER A 381 -24.59 -13.51 -32.19
C SER A 381 -24.30 -12.50 -33.28
N CYS A 382 -24.63 -12.76 -34.51
CA CYS A 382 -24.23 -11.75 -35.45
C CYS A 382 -22.70 -11.42 -35.27
N TYR A 383 -21.86 -12.38 -34.91
CA TYR A 383 -20.45 -12.24 -35.33
C TYR A 383 -20.34 -13.08 -36.58
N ASP A 384 -19.61 -12.55 -37.54
CA ASP A 384 -19.12 -13.34 -38.64
C ASP A 384 -17.64 -13.75 -38.33
N VAL A 385 -17.50 -14.96 -37.79
CA VAL A 385 -16.22 -15.57 -37.40
C VAL A 385 -15.79 -16.50 -38.54
N GLN A 386 -14.54 -16.36 -38.94
CA GLN A 386 -13.95 -17.07 -40.06
C GLN A 386 -12.51 -17.41 -39.71
N ILE A 387 -11.97 -18.36 -40.45
CA ILE A 387 -10.58 -18.67 -40.39
C ILE A 387 -10.03 -17.97 -41.59
N ILE A 388 -8.97 -17.19 -41.37
CA ILE A 388 -8.45 -16.36 -42.45
C ILE A 388 -6.96 -16.56 -42.65
N ASP A 389 -6.54 -16.32 -43.90
CA ASP A 389 -5.15 -16.49 -44.30
C ASP A 389 -4.36 -15.24 -43.99
N ASP A 390 -3.08 -15.24 -44.34
CA ASP A 390 -2.17 -14.18 -43.91
C ASP A 390 -2.44 -12.83 -44.59
N LYS A 391 -3.23 -12.84 -45.64
CA LYS A 391 -3.69 -11.65 -46.32
C LYS A 391 -5.08 -11.21 -45.87
N GLY A 392 -5.78 -12.03 -45.09
CA GLY A 392 -7.15 -11.67 -44.65
C GLY A 392 -8.30 -12.27 -45.42
N ASN A 393 -8.00 -13.22 -46.30
CA ASN A 393 -8.99 -13.93 -47.06
C ASN A 393 -9.58 -15.08 -46.23
N VAL A 394 -10.88 -15.25 -46.34
CA VAL A 394 -11.61 -16.35 -45.75
C VAL A 394 -11.09 -17.63 -46.37
N LEU A 395 -10.77 -18.56 -45.52
CA LEU A 395 -10.29 -19.84 -45.92
C LEU A 395 -11.45 -20.80 -45.93
N PRO A 396 -11.27 -21.87 -46.69
CA PRO A 396 -12.24 -22.93 -46.72
C PRO A 396 -12.16 -23.77 -45.47
N PRO A 397 -13.22 -24.54 -45.21
CA PRO A 397 -13.21 -25.45 -44.10
C PRO A 397 -12.02 -26.41 -44.20
N GLY A 398 -11.43 -26.69 -43.06
CA GLY A 398 -10.42 -27.74 -42.89
C GLY A 398 -9.02 -27.16 -42.97
N THR A 399 -8.92 -25.87 -43.21
CA THR A 399 -7.63 -25.25 -43.40
C THR A 399 -7.32 -24.43 -42.18
N GLU A 400 -6.13 -24.61 -41.61
CA GLU A 400 -5.75 -23.84 -40.47
C GLU A 400 -5.45 -22.45 -40.91
N GLY A 401 -5.94 -21.51 -40.12
CA GLY A 401 -5.54 -20.14 -40.24
C GLY A 401 -5.84 -19.41 -38.95
N ASP A 402 -6.04 -18.12 -39.07
CA ASP A 402 -6.18 -17.26 -37.92
C ASP A 402 -7.65 -17.00 -37.72
N ILE A 403 -8.10 -17.19 -36.48
CA ILE A 403 -9.50 -16.96 -36.19
C ILE A 403 -9.70 -15.45 -36.15
N GLY A 404 -10.69 -14.99 -36.89
CA GLY A 404 -10.98 -13.58 -37.04
C GLY A 404 -12.48 -13.29 -37.01
N ILE A 405 -12.84 -12.08 -36.60
CA ILE A 405 -14.22 -11.63 -36.62
C ILE A 405 -14.33 -10.50 -37.64
N ARG A 406 -15.29 -10.60 -38.55
CA ARG A 406 -15.41 -9.61 -39.57
C ARG A 406 -15.82 -8.30 -38.93
N VAL A 407 -15.02 -7.26 -39.15
CA VAL A 407 -15.37 -5.95 -38.57
C VAL A 407 -15.51 -4.84 -39.62
N LYS A 408 -15.36 -5.22 -40.88
CA LYS A 408 -15.58 -4.31 -42.01
C LYS A 408 -16.43 -5.02 -43.01
N PRO A 409 -17.39 -4.31 -43.65
CA PRO A 409 -17.76 -2.90 -43.48
C PRO A 409 -18.47 -2.63 -42.16
N ILE A 410 -19.13 -3.66 -41.60
CA ILE A 410 -19.87 -3.41 -40.35
C ILE A 410 -19.18 -4.05 -39.13
N ARG A 411 -18.84 -3.23 -38.11
CA ARG A 411 -18.34 -3.72 -36.82
C ARG A 411 -19.51 -4.22 -36.01
N PRO A 412 -19.47 -5.51 -35.68
CA PRO A 412 -20.64 -6.05 -35.00
C PRO A 412 -20.76 -5.62 -33.53
N ILE A 413 -21.97 -5.76 -33.04
CA ILE A 413 -22.26 -5.49 -31.65
C ILE A 413 -21.54 -6.59 -30.87
N GLY A 414 -20.79 -6.19 -29.85
CA GLY A 414 -20.14 -7.10 -28.96
C GLY A 414 -18.65 -6.87 -28.99
N ILE A 415 -18.14 -6.32 -30.11
CA ILE A 415 -16.69 -6.07 -30.24
C ILE A 415 -16.37 -4.85 -29.39
N PHE A 416 -15.25 -4.89 -28.70
CA PHE A 416 -14.84 -3.74 -27.90
C PHE A 416 -14.57 -2.52 -28.80
N SER A 417 -14.32 -1.38 -28.17
CA SER A 417 -14.23 -0.12 -28.85
C SER A 417 -12.80 0.21 -29.27
N GLY A 418 -11.81 -0.45 -28.68
CA GLY A 418 -10.42 -0.17 -29.02
C GLY A 418 -9.61 -0.21 -27.77
N TYR A 419 -8.30 -0.35 -27.90
CA TYR A 419 -7.46 -0.21 -26.74
C TYR A 419 -7.33 1.27 -26.43
N VAL A 420 -7.64 1.63 -25.20
CA VAL A 420 -7.62 3.03 -24.79
C VAL A 420 -6.23 3.64 -24.99
N ASP A 421 -6.20 4.83 -25.61
CA ASP A 421 -4.98 5.57 -25.86
C ASP A 421 -4.05 4.86 -26.85
N ASN A 422 -4.55 3.81 -27.51
CA ASN A 422 -3.71 2.96 -28.34
C ASN A 422 -4.34 2.45 -29.63
N PRO A 423 -4.77 3.38 -30.51
CA PRO A 423 -5.37 3.02 -31.82
C PRO A 423 -4.44 2.19 -32.72
N ASP A 424 -3.12 2.38 -32.59
CA ASP A 424 -2.15 1.57 -33.30
C ASP A 424 -2.18 0.11 -32.90
N LYS A 425 -2.23 -0.18 -31.61
CA LYS A 425 -2.36 -1.55 -31.20
C LYS A 425 -3.73 -2.07 -31.62
N THR A 426 -4.75 -1.22 -31.67
CA THR A 426 -6.04 -1.70 -32.15
C THR A 426 -5.90 -2.02 -33.63
N ALA A 427 -5.32 -1.10 -34.39
CA ALA A 427 -5.00 -1.29 -35.84
C ALA A 427 -4.21 -2.55 -36.17
N ALA A 428 -3.15 -2.77 -35.40
CA ALA A 428 -2.28 -3.94 -35.55
C ALA A 428 -3.01 -5.27 -35.49
N ASN A 429 -4.18 -5.33 -34.86
CA ASN A 429 -4.91 -6.59 -34.76
C ASN A 429 -6.01 -6.75 -35.82
N ILE A 430 -6.14 -5.78 -36.71
CA ILE A 430 -7.07 -5.88 -37.84
C ILE A 430 -6.29 -6.31 -39.08
N ARG A 431 -6.78 -7.38 -39.70
CA ARG A 431 -6.23 -7.88 -40.95
C ARG A 431 -7.33 -7.89 -41.98
N GLY A 432 -7.21 -7.03 -42.99
CA GLY A 432 -8.25 -6.89 -44.02
C GLY A 432 -9.51 -6.48 -43.32
N ASP A 433 -10.57 -7.26 -43.50
CA ASP A 433 -11.83 -6.93 -42.91
C ASP A 433 -12.04 -7.58 -41.53
N PHE A 434 -10.99 -8.15 -40.95
CA PHE A 434 -11.08 -9.02 -39.78
C PHE A 434 -10.31 -8.57 -38.55
N TRP A 435 -10.97 -8.69 -37.40
CA TRP A 435 -10.32 -8.55 -36.11
C TRP A 435 -9.71 -9.92 -35.78
N LEU A 436 -8.38 -10.00 -35.71
CA LEU A 436 -7.68 -11.21 -35.29
C LEU A 436 -7.77 -11.47 -33.78
N LEU A 437 -8.27 -12.63 -33.40
CA LEU A 437 -8.26 -12.96 -32.00
C LEU A 437 -6.86 -13.34 -31.51
N GLY A 438 -5.94 -13.70 -32.41
CA GLY A 438 -4.58 -14.11 -32.06
C GLY A 438 -4.51 -15.63 -31.93
N ASP A 439 -5.63 -16.32 -32.20
CA ASP A 439 -5.68 -17.75 -32.11
C ASP A 439 -5.75 -18.37 -33.52
N ARG A 440 -5.01 -19.44 -33.67
CA ARG A 440 -5.17 -20.35 -34.81
C ARG A 440 -6.41 -21.21 -34.65
N GLY A 441 -6.99 -21.58 -35.76
CA GLY A 441 -8.14 -22.44 -35.75
C GLY A 441 -8.40 -23.08 -37.10
N ILE A 442 -9.28 -24.07 -37.06
CA ILE A 442 -9.83 -24.71 -38.26
C ILE A 442 -11.33 -24.68 -38.09
N LYS A 443 -12.05 -24.58 -39.20
CA LYS A 443 -13.51 -24.64 -39.15
C LYS A 443 -13.96 -25.89 -39.87
N ASP A 444 -14.91 -26.63 -39.29
CA ASP A 444 -15.34 -27.83 -39.99
C ASP A 444 -16.45 -27.48 -40.95
N GLU A 445 -17.00 -28.51 -41.60
CA GLU A 445 -18.06 -28.39 -42.57
C GLU A 445 -19.35 -27.77 -42.06
N ASP A 446 -19.64 -27.91 -40.77
CA ASP A 446 -20.87 -27.34 -40.21
C ASP A 446 -20.58 -26.02 -39.55
N GLY A 447 -19.37 -25.49 -39.72
CA GLY A 447 -19.03 -24.19 -39.15
C GLY A 447 -18.50 -24.21 -37.75
N TYR A 448 -18.22 -25.40 -37.20
CA TYR A 448 -17.67 -25.42 -35.84
C TYR A 448 -16.20 -25.16 -35.86
N PHE A 449 -15.74 -24.40 -34.88
CA PHE A 449 -14.35 -24.03 -34.79
C PHE A 449 -13.61 -24.94 -33.83
N GLN A 450 -12.45 -25.35 -34.29
CA GLN A 450 -11.48 -26.03 -33.49
C GLN A 450 -10.31 -25.12 -33.21
N PHE A 451 -10.02 -24.96 -31.94
CA PHE A 451 -8.94 -24.14 -31.47
C PHE A 451 -7.61 -24.81 -31.74
N MET A 452 -6.67 -24.11 -32.38
CA MET A 452 -5.40 -24.72 -32.68
C MET A 452 -4.21 -23.98 -32.06
N GLY A 453 -4.46 -23.23 -30.98
CA GLY A 453 -3.36 -22.63 -30.21
C GLY A 453 -3.15 -21.18 -30.54
N ARG A 454 -2.40 -20.52 -29.69
CA ARG A 454 -2.06 -19.10 -29.85
C ARG A 454 -1.10 -18.96 -31.03
N ALA A 455 -1.31 -17.99 -31.90
CA ALA A 455 -0.45 -17.87 -33.09
C ALA A 455 1.00 -17.59 -32.63
N ASP A 456 1.15 -16.86 -31.53
CA ASP A 456 2.44 -16.49 -30.89
C ASP A 456 3.18 -17.66 -30.27
N ASP A 457 2.52 -18.82 -30.11
CA ASP A 457 3.19 -20.02 -29.61
C ASP A 457 3.73 -20.91 -30.68
N ILE A 458 3.41 -20.66 -31.93
CA ILE A 458 3.98 -21.41 -33.04
C ILE A 458 5.48 -21.19 -33.06
N ILE A 459 6.22 -22.27 -33.29
CA ILE A 459 7.69 -22.21 -33.35
C ILE A 459 8.18 -22.23 -34.81
N ASN A 460 9.09 -21.31 -35.13
CA ASN A 460 9.65 -21.17 -36.49
CA ASN A 460 9.65 -21.23 -36.48
C ASN A 460 11.11 -21.62 -36.50
N SER A 461 11.35 -22.90 -36.73
CA SER A 461 12.73 -23.36 -36.73
C SER A 461 13.19 -23.84 -38.10
N SER A 462 14.31 -23.30 -38.57
CA SER A 462 14.90 -23.69 -39.84
C SER A 462 13.81 -23.75 -40.91
N GLY A 463 12.96 -22.71 -40.94
CA GLY A 463 11.88 -22.57 -41.93
C GLY A 463 10.79 -23.61 -41.84
N TYR A 464 10.50 -24.03 -40.61
CA TYR A 464 9.38 -24.92 -40.35
C TYR A 464 8.55 -24.27 -39.25
N ARG A 465 7.22 -24.31 -39.39
CA ARG A 465 6.28 -23.95 -38.32
C ARG A 465 5.98 -25.21 -37.50
N ILE A 466 6.11 -25.09 -36.19
CA ILE A 466 5.96 -26.23 -35.27
C ILE A 466 4.97 -25.81 -34.16
N GLY A 467 3.84 -26.51 -34.05
CA GLY A 467 2.92 -26.28 -32.94
C GLY A 467 3.51 -26.89 -31.67
N PRO A 468 3.47 -26.16 -30.56
CA PRO A 468 4.00 -26.73 -29.32
C PRO A 468 3.24 -27.94 -28.82
N SER A 469 1.92 -27.94 -29.03
CA SER A 469 1.05 -29.02 -28.54
C SER A 469 1.44 -30.43 -28.99
N GLU A 470 1.75 -30.63 -30.26
CA GLU A 470 2.20 -31.96 -30.71
C GLU A 470 3.47 -32.38 -29.97
N VAL A 471 4.40 -31.46 -29.80
CA VAL A 471 5.66 -31.73 -29.14
C VAL A 471 5.41 -32.03 -27.66
N GLU A 472 4.58 -31.21 -27.02
CA GLU A 472 4.29 -31.40 -25.59
C GLU A 472 3.58 -32.72 -25.38
N ASN A 473 2.61 -32.99 -26.24
CA ASN A 473 1.89 -34.25 -26.23
C ASN A 473 2.83 -35.43 -26.41
N ALA A 474 3.82 -35.29 -27.31
CA ALA A 474 4.80 -36.34 -27.54
C ALA A 474 5.61 -36.62 -26.26
N LEU A 475 6.22 -35.57 -25.72
CA LEU A 475 6.94 -35.64 -24.43
C LEU A 475 6.09 -36.26 -23.31
N MET A 476 4.80 -35.88 -23.23
CA MET A 476 3.92 -36.42 -22.20
C MET A 476 3.72 -37.95 -22.23
N GLU A 477 3.90 -38.56 -23.39
CA GLU A 477 3.82 -40.03 -23.52
C GLU A 477 4.94 -40.72 -22.76
N HIS A 478 6.07 -40.03 -22.60
CA HIS A 478 7.22 -40.60 -21.90
C HIS A 478 7.03 -40.63 -20.38
N PRO A 479 7.32 -41.75 -19.73
CA PRO A 479 7.19 -41.88 -18.25
C PRO A 479 7.93 -40.81 -17.40
N ALA A 480 9.02 -40.23 -17.92
CA ALA A 480 9.80 -39.27 -17.16
C ALA A 480 9.11 -37.92 -17.03
N VAL A 481 8.15 -37.65 -17.93
CA VAL A 481 7.54 -36.34 -18.04
C VAL A 481 6.18 -36.26 -17.32
N VAL A 482 6.10 -35.42 -16.30
CA VAL A 482 4.84 -35.22 -15.63
C VAL A 482 4.14 -34.03 -16.24
N GLU A 483 4.90 -32.98 -16.55
CA GLU A 483 4.37 -31.79 -17.17
C GLU A 483 5.41 -31.21 -18.12
N THR A 484 4.96 -30.52 -19.16
CA THR A 484 5.88 -29.93 -20.13
C THR A 484 5.29 -28.72 -20.84
N ALA A 485 6.17 -27.80 -21.25
CA ALA A 485 5.80 -26.58 -22.01
C ALA A 485 6.87 -26.49 -23.08
N VAL A 486 6.43 -26.36 -24.33
CA VAL A 486 7.36 -26.29 -25.48
C VAL A 486 7.27 -24.89 -26.05
N ILE A 487 8.43 -24.25 -26.14
CA ILE A 487 8.55 -22.89 -26.66
C ILE A 487 9.74 -22.76 -27.60
N SER A 488 9.78 -21.59 -28.26
CA SER A 488 10.94 -21.15 -29.02
C SER A 488 12.09 -20.73 -28.09
N SER A 489 13.30 -20.97 -28.56
CA SER A 489 14.52 -20.49 -27.92
C SER A 489 15.36 -19.85 -29.04
N PRO A 490 15.94 -18.66 -28.79
CA PRO A 490 16.83 -18.06 -29.79
C PRO A 490 18.07 -18.94 -29.99
N ASP A 491 18.37 -19.31 -31.23
CA ASP A 491 19.47 -20.24 -31.54
C ASP A 491 20.63 -19.49 -32.22
N PRO A 492 21.87 -19.71 -31.71
CA PRO A 492 23.03 -19.25 -32.48
C PRO A 492 22.91 -19.58 -33.97
N VAL A 493 22.77 -20.87 -34.28
CA VAL A 493 22.96 -21.41 -35.64
C VAL A 493 21.70 -21.33 -36.55
N ARG A 494 20.49 -21.37 -35.97
CA ARG A 494 19.22 -21.35 -36.72
C ARG A 494 18.22 -20.33 -36.22
N GLY A 495 18.66 -19.37 -35.41
CA GLY A 495 17.78 -18.25 -35.06
C GLY A 495 16.70 -18.54 -34.02
N GLU A 496 15.87 -19.56 -34.28
CA GLU A 496 14.88 -20.07 -33.31
C GLU A 496 14.92 -21.62 -33.25
N VAL A 497 14.92 -22.22 -32.06
CA VAL A 497 14.78 -23.69 -31.95
C VAL A 497 13.64 -24.12 -31.02
N VAL A 498 13.22 -25.38 -31.17
CA VAL A 498 12.20 -25.98 -30.33
C VAL A 498 12.85 -26.35 -28.99
N LYS A 499 12.35 -25.79 -27.90
CA LYS A 499 12.81 -26.15 -26.56
C LYS A 499 11.64 -26.58 -25.69
N ALA A 500 11.91 -27.59 -24.86
CA ALA A 500 10.97 -28.15 -23.94
C ALA A 500 11.44 -27.94 -22.52
N PHE A 501 10.58 -27.34 -21.71
CA PHE A 501 10.73 -27.34 -20.26
C PHE A 501 9.99 -28.57 -19.75
N VAL A 502 10.65 -29.36 -18.92
CA VAL A 502 10.06 -30.62 -18.48
C VAL A 502 10.10 -30.69 -16.97
N VAL A 503 8.95 -31.01 -16.37
CA VAL A 503 8.89 -31.39 -14.95
C VAL A 503 9.00 -32.91 -14.91
N LEU A 504 10.03 -33.38 -14.25
CA LEU A 504 10.32 -34.82 -14.17
C LEU A 504 9.46 -35.58 -13.17
N ALA A 505 9.13 -36.83 -13.53
CA ALA A 505 8.60 -37.81 -12.58
C ALA A 505 9.69 -38.06 -11.54
N SER A 506 9.30 -38.22 -10.26
CA SER A 506 10.33 -38.36 -9.20
C SER A 506 11.22 -39.55 -9.49
N GLN A 507 10.67 -40.55 -10.19
CA GLN A 507 11.39 -41.74 -10.55
C GLN A 507 12.59 -41.44 -11.48
N PHE A 508 12.60 -40.29 -12.13
CA PHE A 508 13.70 -39.97 -13.04
C PHE A 508 14.60 -38.88 -12.51
N LEU A 509 14.31 -38.36 -11.32
CA LEU A 509 15.19 -37.37 -10.71
C LEU A 509 16.61 -37.95 -10.56
N SER A 510 16.70 -39.24 -10.28
CA SER A 510 18.02 -39.86 -10.07
C SER A 510 18.81 -40.03 -11.37
N HIS A 511 18.11 -40.08 -12.51
CA HIS A 511 18.74 -40.27 -13.83
C HIS A 511 19.70 -39.12 -14.25
N ASP A 512 20.65 -39.45 -15.12
CA ASP A 512 21.65 -38.52 -15.66
C ASP A 512 21.00 -37.48 -16.55
N PRO A 513 21.08 -36.20 -16.18
CA PRO A 513 20.33 -35.19 -16.97
C PRO A 513 20.65 -35.22 -18.46
N GLU A 514 21.92 -35.43 -18.83
CA GLU A 514 22.29 -35.45 -20.26
C GLU A 514 21.72 -36.66 -21.00
N GLN A 515 21.87 -37.84 -20.41
CA GLN A 515 21.35 -39.08 -21.01
C GLN A 515 19.84 -38.98 -21.08
N LEU A 516 19.19 -38.50 -20.01
CA LEU A 516 17.73 -38.37 -20.07
C LEU A 516 17.29 -37.40 -21.19
N THR A 517 18.03 -36.30 -21.35
CA THR A 517 17.74 -35.31 -22.38
C THR A 517 17.80 -35.99 -23.77
N LYS A 518 18.81 -36.83 -24.01
CA LYS A 518 18.96 -37.48 -25.32
C LYS A 518 17.86 -38.53 -25.53
N GLU A 519 17.44 -39.16 -24.44
CA GLU A 519 16.37 -40.16 -24.47
C GLU A 519 15.03 -39.54 -24.81
N LEU A 520 14.74 -38.40 -24.22
CA LEU A 520 13.49 -37.68 -24.50
C LEU A 520 13.45 -37.15 -25.93
N GLN A 521 14.58 -36.64 -26.40
CA GLN A 521 14.66 -36.17 -27.79
C GLN A 521 14.52 -37.35 -28.73
N GLN A 522 15.28 -38.41 -28.49
CA GLN A 522 15.14 -39.66 -29.26
C GLN A 522 13.67 -40.08 -29.24
N HIS A 523 13.08 -40.09 -28.05
CA HIS A 523 11.64 -40.36 -27.92
C HIS A 523 10.71 -39.44 -28.74
N VAL A 524 11.01 -38.13 -28.80
CA VAL A 524 10.15 -37.23 -29.61
C VAL A 524 10.46 -37.39 -31.10
N LYS A 525 11.74 -37.37 -31.48
CA LYS A 525 12.17 -37.62 -32.87
C LYS A 525 11.43 -38.83 -33.44
N SER A 526 11.12 -39.78 -32.57
CA SER A 526 10.59 -41.09 -32.93
C SER A 526 9.07 -41.22 -32.86
N VAL A 527 8.38 -40.27 -32.23
CA VAL A 527 6.92 -40.26 -32.18
C VAL A 527 6.30 -39.13 -33.03
N THR A 528 7.15 -38.26 -33.58
CA THR A 528 6.66 -37.17 -34.44
C THR A 528 7.72 -36.81 -35.49
N ALA A 529 7.36 -35.94 -36.44
CA ALA A 529 8.32 -35.51 -37.45
C ALA A 529 9.58 -35.05 -36.75
N PRO A 530 10.73 -35.69 -37.02
CA PRO A 530 12.00 -35.36 -36.36
C PRO A 530 12.35 -33.87 -36.35
N TYR A 531 11.91 -33.10 -37.34
CA TYR A 531 12.14 -31.65 -37.32
C TYR A 531 11.41 -30.95 -36.16
N LYS A 532 10.52 -31.67 -35.48
CA LYS A 532 9.75 -31.10 -34.39
C LYS A 532 10.43 -31.28 -33.02
N TYR A 533 11.44 -32.14 -32.93
CA TYR A 533 11.98 -32.54 -31.63
C TYR A 533 12.62 -31.35 -30.87
N PRO A 534 12.57 -31.39 -29.53
CA PRO A 534 13.20 -30.34 -28.73
C PRO A 534 14.74 -30.44 -28.73
N ARG A 535 15.37 -29.51 -29.44
CA ARG A 535 16.82 -29.46 -29.54
C ARG A 535 17.41 -28.96 -28.20
N LYS A 536 16.59 -28.29 -27.40
CA LYS A 536 16.97 -28.00 -26.02
C LYS A 536 15.92 -28.55 -25.03
N ILE A 537 16.38 -29.15 -23.93
CA ILE A 537 15.50 -29.52 -22.82
C ILE A 537 16.04 -29.01 -21.50
N GLU A 538 15.18 -28.31 -20.76
CA GLU A 538 15.50 -27.85 -19.46
C GLU A 538 14.55 -28.50 -18.46
N PHE A 539 15.12 -29.01 -17.38
CA PHE A 539 14.30 -29.64 -16.38
C PHE A 539 14.01 -28.65 -15.28
N VAL A 540 12.74 -28.56 -14.91
CA VAL A 540 12.29 -27.57 -13.98
C VAL A 540 11.34 -28.27 -13.02
N LEU A 541 11.12 -27.65 -11.87
CA LEU A 541 10.33 -28.24 -10.80
C LEU A 541 8.89 -27.80 -10.85
N ASN A 542 8.61 -26.72 -11.57
CA ASN A 542 7.22 -26.31 -11.84
C ASN A 542 7.18 -25.57 -13.14
N LEU A 543 5.97 -25.31 -13.61
CA LEU A 543 5.79 -24.52 -14.81
C LEU A 543 4.81 -23.45 -14.41
N PRO A 544 5.00 -22.22 -14.89
CA PRO A 544 4.11 -21.13 -14.55
C PRO A 544 2.75 -21.30 -15.23
N LYS A 545 1.69 -21.14 -14.44
CA LYS A 545 0.32 -21.27 -14.92
C LYS A 545 -0.56 -20.15 -14.42
N THR A 546 -1.58 -19.86 -15.20
CA THR A 546 -2.60 -18.90 -14.80
C THR A 546 -3.39 -19.45 -13.60
N VAL A 547 -4.28 -18.65 -13.03
CA VAL A 547 -5.14 -19.10 -11.93
C VAL A 547 -6.18 -20.14 -12.39
N THR A 548 -6.45 -20.16 -13.68
CA THR A 548 -7.27 -21.20 -14.25
C THR A 548 -6.46 -22.39 -14.74
N GLY A 549 -5.17 -22.46 -14.40
CA GLY A 549 -4.32 -23.62 -14.66
C GLY A 549 -3.78 -23.73 -16.09
N LYS A 550 -3.72 -22.64 -16.83
CA LYS A 550 -3.21 -22.69 -18.20
C LYS A 550 -1.73 -22.37 -18.18
N ILE A 551 -0.92 -23.20 -18.85
CA ILE A 551 0.53 -23.03 -18.89
C ILE A 551 0.82 -21.69 -19.52
N GLN A 552 1.66 -20.87 -18.89
CA GLN A 552 1.98 -19.56 -19.45
C GLN A 552 3.22 -19.59 -20.32
N ARG A 553 3.05 -20.01 -21.57
CA ARG A 553 4.20 -20.18 -22.47
C ARG A 553 4.89 -18.84 -22.79
N ALA A 554 4.11 -17.77 -22.87
CA ALA A 554 4.67 -16.45 -23.17
C ALA A 554 5.62 -16.05 -22.06
N LYS A 555 5.31 -16.45 -20.82
CA LYS A 555 6.18 -16.14 -19.68
C LYS A 555 7.49 -16.90 -19.82
N LEU A 556 7.38 -18.16 -20.24
CA LEU A 556 8.57 -18.96 -20.45
C LEU A 556 9.39 -18.44 -21.63
N ARG A 557 8.71 -18.08 -22.72
CA ARG A 557 9.36 -17.59 -23.93
C ARG A 557 10.08 -16.28 -23.65
N ASP A 558 9.40 -15.36 -22.95
CA ASP A 558 10.01 -14.08 -22.52
C ASP A 558 11.38 -14.30 -21.88
N LYS A 559 11.37 -14.97 -20.73
CA LYS A 559 12.59 -15.30 -20.02
C LYS A 559 13.59 -15.95 -20.96
N GLU A 560 13.12 -16.88 -21.77
CA GLU A 560 13.99 -17.66 -22.65
C GLU A 560 14.74 -16.81 -23.68
N TRP A 561 14.22 -15.64 -23.99
CA TRP A 561 14.87 -14.70 -24.89
C TRP A 561 15.46 -13.58 -24.05
N LYS A 562 16.51 -13.93 -23.30
CA LYS A 562 17.24 -13.00 -22.41
C LYS A 562 16.30 -12.22 -21.49
N TRP B 28 7.69 25.85 40.58
CA TRP B 28 8.60 24.70 40.27
C TRP B 28 10.06 25.10 40.25
N GLY B 29 10.56 25.53 41.41
CA GLY B 29 11.93 26.00 41.56
C GLY B 29 12.16 27.34 40.89
N HIS B 30 13.42 27.72 40.78
CA HIS B 30 13.82 28.61 39.69
C HIS B 30 15.24 28.23 39.34
N GLN B 31 15.80 28.94 38.37
CA GLN B 31 17.03 28.46 37.74
C GLN B 31 18.22 29.22 38.25
N GLU B 32 19.40 28.68 37.92
CA GLU B 32 20.71 29.23 38.23
C GLU B 32 21.45 29.37 36.89
N VAL B 33 21.18 30.47 36.21
CA VAL B 33 21.57 30.67 34.83
C VAL B 33 22.15 32.07 34.65
N PRO B 34 23.01 32.23 33.63
CA PRO B 34 23.32 33.58 33.20
C PRO B 34 22.05 34.30 32.81
N ALA B 35 22.00 35.60 32.98
CA ALA B 35 20.87 36.40 32.60
C ALA B 35 20.63 36.31 31.09
N LYS B 36 21.71 36.35 30.31
CA LYS B 36 21.62 36.41 28.86
C LYS B 36 22.25 35.19 28.27
N PHE B 37 21.60 34.65 27.24
CA PHE B 37 22.20 33.59 26.48
C PHE B 37 21.62 33.57 25.08
N ASN B 38 22.48 33.31 24.14
CA ASN B 38 22.10 33.19 22.72
C ASN B 38 23.06 32.27 22.03
N PHE B 39 22.54 31.16 21.54
CA PHE B 39 23.43 30.18 20.89
C PHE B 39 24.21 30.76 19.72
N ALA B 40 23.55 31.58 18.89
CA ALA B 40 24.26 32.09 17.72
C ALA B 40 25.43 32.98 18.16
N SER B 41 25.18 33.93 19.05
CA SER B 41 26.21 34.88 19.45
C SER B 41 27.20 34.24 20.41
N ASP B 42 26.71 33.38 21.30
CA ASP B 42 27.55 32.83 22.35
C ASP B 42 28.36 31.64 21.92
N VAL B 43 27.91 30.96 20.89
CA VAL B 43 28.51 29.68 20.51
C VAL B 43 28.93 29.71 19.08
N LEU B 44 27.99 29.86 18.18
CA LEU B 44 28.32 29.83 16.77
C LEU B 44 29.28 30.91 16.29
N ASP B 45 29.08 32.15 16.73
CA ASP B 45 29.95 33.22 16.26
C ASP B 45 31.35 33.20 16.87
N HIS B 46 31.53 32.52 18.00
CA HIS B 46 32.87 32.19 18.46
C HIS B 46 33.68 31.45 17.38
N TRP B 47 33.09 30.41 16.79
CA TRP B 47 33.77 29.65 15.75
C TRP B 47 34.04 30.48 14.48
N ALA B 48 33.09 31.31 14.11
CA ALA B 48 33.25 32.27 13.03
C ALA B 48 34.43 33.22 13.30
N ASP B 49 34.42 33.79 14.49
CA ASP B 49 35.48 34.70 14.92
C ASP B 49 36.84 34.05 14.89
N MET B 50 36.93 32.82 15.35
CA MET B 50 38.20 32.14 15.32
C MET B 50 38.75 32.09 13.90
N GLU B 51 37.86 31.83 12.94
CA GLU B 51 38.27 31.83 11.52
C GLU B 51 38.67 33.19 11.03
N LYS B 52 37.82 34.17 11.26
CA LYS B 52 38.15 35.53 10.88
C LYS B 52 39.49 35.93 11.47
N ALA B 53 39.76 35.50 12.71
CA ALA B 53 41.01 35.78 13.46
C ALA B 53 42.26 35.05 12.99
N GLY B 54 42.12 34.09 12.08
CA GLY B 54 43.19 33.19 11.73
C GLY B 54 43.57 32.26 12.86
N LYS B 55 42.71 32.10 13.87
CA LYS B 55 43.08 31.24 15.01
C LYS B 55 42.60 29.83 14.80
N ARG B 56 41.78 29.63 13.79
CA ARG B 56 41.41 28.29 13.39
C ARG B 56 41.34 28.33 11.88
N PRO B 57 41.61 27.20 11.21
CA PRO B 57 41.42 27.27 9.77
C PRO B 57 39.94 27.29 9.45
N PRO B 58 39.57 27.82 8.28
CA PRO B 58 38.17 27.74 7.86
C PRO B 58 37.69 26.31 7.96
N SER B 59 36.70 26.08 8.79
CA SER B 59 36.31 24.72 9.16
C SER B 59 34.93 24.44 8.70
N PRO B 60 34.68 23.26 8.16
CA PRO B 60 33.28 23.04 7.77
C PRO B 60 32.28 22.99 8.95
N ALA B 61 31.17 23.70 8.78
CA ALA B 61 30.09 23.76 9.75
C ALA B 61 28.91 22.97 9.28
N LEU B 62 28.59 23.13 8.02
CA LEU B 62 27.40 22.55 7.44
C LEU B 62 27.74 22.03 6.06
N TRP B 63 27.53 20.75 5.88
CA TRP B 63 27.78 20.08 4.64
C TRP B 63 26.47 19.33 4.30
N TRP B 64 25.85 19.76 3.24
CA TRP B 64 24.57 19.26 2.81
C TRP B 64 24.77 18.58 1.45
N VAL B 65 24.04 17.51 1.21
CA VAL B 65 24.03 16.88 -0.09
C VAL B 65 22.56 16.48 -0.36
N ASN B 66 22.18 16.37 -1.63
CA ASN B 66 20.79 15.99 -1.97
C ASN B 66 20.72 14.53 -2.40
N GLY B 67 21.88 13.90 -2.54
CA GLY B 67 21.99 12.54 -3.07
C GLY B 67 21.79 12.40 -4.56
N LYS B 68 21.76 13.53 -5.27
CA LYS B 68 21.64 13.53 -6.72
C LYS B 68 22.82 14.30 -7.35
N GLY B 69 23.86 14.58 -6.55
CA GLY B 69 25.07 15.21 -7.08
C GLY B 69 25.24 16.66 -6.66
N LYS B 70 24.22 17.25 -6.06
CA LYS B 70 24.36 18.55 -5.48
C LYS B 70 24.87 18.48 -4.01
N GLU B 71 25.87 19.33 -3.73
CA GLU B 71 26.42 19.45 -2.38
C GLU B 71 26.75 20.90 -2.13
N LEU B 72 26.58 21.31 -0.89
CA LEU B 72 26.79 22.66 -0.43
C LEU B 72 27.52 22.60 0.90
N MET B 73 28.50 23.45 1.08
CA MET B 73 29.20 23.47 2.33
C MET B 73 29.45 24.90 2.74
N TRP B 74 29.17 25.17 4.01
CA TRP B 74 29.51 26.37 4.68
C TRP B 74 30.56 26.12 5.74
N ASN B 75 31.59 26.94 5.78
CA ASN B 75 32.39 27.00 6.96
C ASN B 75 31.65 27.86 8.04
N PHE B 76 32.22 28.00 9.23
CA PHE B 76 31.60 28.80 10.26
C PHE B 76 31.43 30.29 9.93
N ARG B 77 32.40 30.92 9.26
CA ARG B 77 32.25 32.31 8.91
C ARG B 77 31.08 32.50 7.93
N GLU B 78 31.00 31.63 6.92
CA GLU B 78 29.92 31.65 5.94
C GLU B 78 28.60 31.37 6.58
N LEU B 79 28.56 30.41 7.51
CA LEU B 79 27.32 30.05 8.18
C LEU B 79 26.90 31.25 9.04
N SER B 80 27.85 31.89 9.70
CA SER B 80 27.50 33.08 10.47
C SER B 80 26.98 34.16 9.52
N GLU B 81 27.71 34.42 8.44
CA GLU B 81 27.33 35.51 7.52
C GLU B 81 25.99 35.22 6.88
N ASN B 82 25.84 34.00 6.40
CA ASN B 82 24.59 33.59 5.72
C ASN B 82 23.41 33.55 6.70
N SER B 83 23.64 33.17 7.97
CA SER B 83 22.58 33.22 8.97
C SER B 83 22.24 34.64 9.45
N GLN B 84 23.19 35.53 9.35
CA GLN B 84 22.94 36.94 9.63
C GLN B 84 22.04 37.53 8.54
N GLN B 85 22.26 37.13 7.29
CA GLN B 85 21.39 37.48 6.19
C GLN B 85 20.01 36.99 6.46
N ALA B 86 19.92 35.75 6.95
CA ALA B 86 18.61 35.18 7.32
C ALA B 86 17.91 35.96 8.41
N ALA B 87 18.63 36.33 9.46
CA ALA B 87 18.07 37.15 10.50
C ALA B 87 17.57 38.49 9.90
N ASN B 88 18.34 39.05 8.98
CA ASN B 88 17.94 40.28 8.30
C ASN B 88 16.74 40.11 7.43
N VAL B 89 16.60 38.97 6.76
CA VAL B 89 15.33 38.72 6.05
C VAL B 89 14.12 38.72 6.97
N LEU B 90 14.25 38.01 8.07
CA LEU B 90 13.15 37.83 8.99
C LEU B 90 12.80 39.14 9.65
N SER B 91 13.80 39.86 10.16
CA SER B 91 13.54 41.04 10.97
C SER B 91 13.38 42.29 10.09
N GLY B 92 14.06 42.33 8.95
CA GLY B 92 14.00 43.47 8.03
C GLY B 92 12.91 43.27 7.04
N ALA B 93 13.17 42.43 6.03
CA ALA B 93 12.22 42.26 4.95
C ALA B 93 10.85 41.80 5.44
N CYS B 94 10.80 40.91 6.42
CA CYS B 94 9.48 40.43 6.85
C CYS B 94 8.94 41.20 8.03
N GLY B 95 9.74 42.09 8.60
CA GLY B 95 9.29 42.93 9.69
C GLY B 95 8.93 42.13 10.94
N LEU B 96 9.49 40.94 11.13
CA LEU B 96 9.19 40.20 12.34
C LEU B 96 9.90 40.84 13.53
N GLN B 97 9.19 40.96 14.62
CA GLN B 97 9.72 41.59 15.79
C GLN B 97 10.05 40.55 16.87
N ARG B 98 10.98 40.91 17.73
CA ARG B 98 11.40 40.09 18.83
C ARG B 98 10.20 39.52 19.54
N GLY B 99 10.20 38.20 19.73
CA GLY B 99 9.11 37.52 20.42
C GLY B 99 8.07 37.01 19.43
N ASP B 100 8.13 37.43 18.16
CA ASP B 100 7.16 36.91 17.19
C ASP B 100 7.42 35.42 16.92
N ARG B 101 6.34 34.71 16.65
CA ARG B 101 6.37 33.29 16.45
C ARG B 101 6.40 32.93 14.96
N VAL B 102 7.37 32.11 14.62
CA VAL B 102 7.63 31.77 13.24
C VAL B 102 7.54 30.26 13.09
N ALA B 103 6.49 29.79 12.41
CA ALA B 103 6.41 28.39 12.02
C ALA B 103 7.44 28.08 10.95
N VAL B 104 8.09 26.93 11.10
CA VAL B 104 9.05 26.50 10.11
C VAL B 104 8.71 25.06 9.72
N VAL B 105 8.41 24.87 8.44
CA VAL B 105 7.99 23.60 7.93
C VAL B 105 8.72 23.31 6.63
N LEU B 106 9.89 22.70 6.74
CA LEU B 106 10.78 22.53 5.61
C LEU B 106 11.34 21.12 5.62
N PRO B 107 11.72 20.61 4.46
CA PRO B 107 12.51 19.40 4.35
C PRO B 107 13.95 19.61 4.85
N ARG B 108 14.80 18.59 4.70
CA ARG B 108 16.21 18.66 5.13
C ARG B 108 17.02 19.41 4.08
N VAL B 109 16.81 20.73 4.08
CA VAL B 109 17.51 21.68 3.26
C VAL B 109 18.26 22.63 4.15
N PRO B 110 19.38 23.15 3.64
CA PRO B 110 20.22 23.97 4.49
C PRO B 110 19.48 25.19 5.03
N GLU B 111 18.47 25.68 4.29
CA GLU B 111 17.70 26.79 4.73
C GLU B 111 17.02 26.56 6.07
N TRP B 112 16.75 25.33 6.46
CA TRP B 112 16.19 25.10 7.79
C TRP B 112 17.19 25.59 8.83
N TRP B 113 18.45 25.17 8.71
CA TRP B 113 19.50 25.58 9.63
C TRP B 113 19.65 27.11 9.61
N LEU B 114 19.60 27.70 8.41
CA LEU B 114 19.79 29.10 8.30
C LEU B 114 18.63 29.88 8.91
N VAL B 115 17.42 29.38 8.74
CA VAL B 115 16.27 30.09 9.20
C VAL B 115 16.16 30.01 10.71
N ILE B 116 16.44 28.82 11.23
CA ILE B 116 16.51 28.63 12.68
C ILE B 116 17.55 29.55 13.35
N LEU B 117 18.77 29.56 12.80
CA LEU B 117 19.80 30.45 13.25
C LEU B 117 19.33 31.90 13.13
N GLY B 118 18.64 32.21 12.04
CA GLY B 118 18.13 33.55 11.84
C GLY B 118 17.15 33.95 12.95
N CYS B 119 16.20 33.06 13.24
CA CYS B 119 15.29 33.30 14.35
C CYS B 119 16.04 33.53 15.66
N ILE B 120 17.01 32.68 15.95
CA ILE B 120 17.76 32.80 17.19
C ILE B 120 18.43 34.15 17.26
N ARG B 121 19.09 34.53 16.19
CA ARG B 121 19.70 35.84 16.11
C ARG B 121 18.71 36.98 16.29
N ALA B 122 17.53 36.88 15.67
CA ALA B 122 16.57 37.95 15.68
C ALA B 122 15.58 37.82 16.85
N GLY B 123 15.82 36.90 17.77
CA GLY B 123 14.94 36.79 18.92
C GLY B 123 13.50 36.43 18.55
N LEU B 124 13.34 35.63 17.51
CA LEU B 124 12.05 35.15 17.07
C LEU B 124 11.92 33.75 17.58
N ILE B 125 10.70 33.36 17.90
CA ILE B 125 10.40 32.02 18.41
C ILE B 125 10.19 31.09 17.21
N PHE B 126 11.06 30.11 17.05
CA PHE B 126 10.87 29.22 15.91
C PHE B 126 10.04 28.07 16.36
N MET B 127 9.19 27.63 15.45
CA MET B 127 8.23 26.55 15.76
C MET B 127 8.26 25.51 14.68
N PRO B 128 9.18 24.54 14.80
CA PRO B 128 9.37 23.62 13.71
C PRO B 128 8.26 22.60 13.66
N GLY B 129 7.94 22.17 12.44
CA GLY B 129 6.92 21.15 12.22
C GLY B 129 7.31 20.32 11.01
N THR B 130 6.75 19.14 10.92
CA THR B 130 7.15 18.22 9.87
C THR B 130 6.40 18.55 8.60
N ILE B 131 7.12 18.46 7.49
CA ILE B 131 6.53 18.53 6.16
C ILE B 131 5.49 17.45 5.92
N GLN B 132 5.45 16.45 6.78
CA GLN B 132 4.46 15.36 6.71
C GLN B 132 3.06 15.78 7.20
N MET B 133 2.94 16.96 7.82
CA MET B 133 1.65 17.51 8.25
C MET B 133 0.66 17.77 7.10
N LYS B 134 -0.62 17.55 7.38
CA LYS B 134 -1.74 17.80 6.46
C LYS B 134 -2.23 19.18 6.79
N SER B 135 -3.12 19.71 5.97
CA SER B 135 -3.64 21.09 6.19
C SER B 135 -4.28 21.20 7.56
N THR B 136 -4.97 20.16 8.01
CA THR B 136 -5.59 20.19 9.32
C THR B 136 -4.60 20.39 10.44
N ASP B 137 -3.45 19.72 10.33
CA ASP B 137 -2.43 19.79 11.36
C ASP B 137 -1.79 21.16 11.32
N ILE B 138 -1.62 21.68 10.10
CA ILE B 138 -1.05 22.99 9.92
C ILE B 138 -1.99 24.01 10.49
N LEU B 139 -3.28 23.90 10.18
CA LEU B 139 -4.26 24.85 10.69
C LEU B 139 -4.21 24.92 12.22
N TYR B 140 -4.26 23.75 12.85
CA TYR B 140 -4.22 23.63 14.31
C TYR B 140 -3.02 24.35 14.91
N ARG B 141 -1.83 24.05 14.39
CA ARG B 141 -0.61 24.70 14.87
C ARG B 141 -0.57 26.19 14.67
N LEU B 142 -0.88 26.68 13.46
CA LEU B 142 -0.85 28.13 13.22
C LEU B 142 -1.89 28.87 14.07
N GLN B 143 -3.05 28.27 14.25
CA GLN B 143 -4.09 28.89 15.09
C GLN B 143 -3.76 28.84 16.58
N MET B 144 -3.33 27.70 17.08
CA MET B 144 -3.00 27.57 18.48
C MET B 144 -1.82 28.46 18.86
N SER B 145 -0.81 28.50 17.99
CA SER B 145 0.45 29.23 18.27
C SER B 145 0.31 30.72 17.94
N LYS B 146 -0.71 31.02 17.15
CA LYS B 146 -0.90 32.34 16.61
C LYS B 146 0.37 32.77 15.89
N ALA B 147 0.91 31.86 15.12
CA ALA B 147 2.06 32.12 14.26
C ALA B 147 1.87 33.41 13.45
N LYS B 148 2.87 34.32 13.48
CA LYS B 148 2.92 35.51 12.64
C LYS B 148 3.55 35.24 11.26
N ALA B 149 4.36 34.18 11.15
CA ALA B 149 5.03 33.86 9.92
C ALA B 149 5.12 32.36 9.79
N ILE B 150 5.17 31.92 8.54
CA ILE B 150 5.51 30.55 8.20
C ILE B 150 6.57 30.58 7.15
N VAL B 151 7.52 29.67 7.30
CA VAL B 151 8.56 29.41 6.34
C VAL B 151 8.36 27.98 5.89
N ALA B 152 8.16 27.79 4.57
CA ALA B 152 7.77 26.52 4.00
C ALA B 152 8.33 26.37 2.63
N GLY B 153 8.36 25.14 2.14
CA GLY B 153 8.73 24.88 0.78
C GLY B 153 7.58 24.24 0.04
N ASP B 154 7.91 23.63 -1.10
CA ASP B 154 6.94 23.12 -2.07
C ASP B 154 6.05 22.05 -1.46
N GLU B 155 6.59 21.29 -0.54
CA GLU B 155 5.86 20.17 0.02
C GLU B 155 4.58 20.62 0.73
N VAL B 156 4.57 21.80 1.35
CA VAL B 156 3.38 22.18 2.13
C VAL B 156 2.70 23.51 1.76
N ILE B 157 3.29 24.30 0.85
N ILE B 157 3.27 24.30 0.85
CA ILE B 157 2.70 25.58 0.41
CA ILE B 157 2.69 25.60 0.54
C ILE B 157 1.21 25.44 0.18
C ILE B 157 1.23 25.55 0.05
N GLN B 158 0.86 24.52 -0.71
CA GLN B 158 -0.53 24.39 -1.15
C GLN B 158 -1.44 24.05 0.03
N GLU B 159 -0.91 23.27 0.96
CA GLU B 159 -1.65 22.93 2.15
CA GLU B 159 -1.61 22.93 2.21
C GLU B 159 -1.78 24.17 3.08
N VAL B 160 -0.70 24.94 3.21
CA VAL B 160 -0.75 26.17 3.97
C VAL B 160 -1.78 27.11 3.34
N ASP B 161 -1.67 27.30 2.03
CA ASP B 161 -2.60 28.21 1.38
C ASP B 161 -4.09 27.82 1.50
N THR B 162 -4.36 26.57 1.80
CA THR B 162 -5.72 26.07 1.95
C THR B 162 -6.36 26.59 3.21
N VAL B 163 -5.56 26.81 4.25
CA VAL B 163 -6.05 27.17 5.57
C VAL B 163 -5.59 28.55 6.06
N ALA B 164 -4.67 29.19 5.32
CA ALA B 164 -4.05 30.45 5.77
C ALA B 164 -5.08 31.53 6.06
N SER B 165 -6.18 31.53 5.30
CA SER B 165 -7.20 32.54 5.47
C SER B 165 -7.88 32.46 6.85
N GLU B 166 -7.78 31.32 7.51
CA GLU B 166 -8.38 31.14 8.81
C GLU B 166 -7.37 31.38 9.94
N CYS B 167 -6.23 31.97 9.60
CA CYS B 167 -5.17 32.27 10.57
C CYS B 167 -4.91 33.77 10.54
N PRO B 168 -5.72 34.52 11.29
CA PRO B 168 -5.67 35.97 11.28
C PRO B 168 -4.32 36.54 11.77
N SER B 169 -3.56 35.80 12.56
CA SER B 169 -2.24 36.29 12.97
C SER B 169 -1.16 36.12 11.91
N LEU B 170 -1.39 35.21 10.99
CA LEU B 170 -0.39 34.87 10.02
C LEU B 170 -0.31 35.97 8.98
N ARG B 171 0.82 36.70 9.01
CA ARG B 171 1.07 37.85 8.19
C ARG B 171 2.17 37.59 7.14
N ILE B 172 3.22 36.82 7.48
CA ILE B 172 4.30 36.59 6.56
C ILE B 172 4.30 35.12 6.13
N LYS B 173 4.40 34.90 4.81
CA LYS B 173 4.63 33.54 4.27
C LYS B 173 5.88 33.61 3.44
N LEU B 174 6.91 32.91 3.90
CA LEU B 174 8.22 32.94 3.29
C LEU B 174 8.43 31.54 2.68
N LEU B 175 8.70 31.50 1.39
CA LEU B 175 8.78 30.28 0.64
C LEU B 175 10.24 29.99 0.34
N VAL B 176 10.65 28.76 0.60
CA VAL B 176 11.96 28.29 0.26
C VAL B 176 11.78 27.33 -0.90
N SER B 177 12.07 27.80 -2.10
CA SER B 177 11.76 27.06 -3.31
C SER B 177 12.33 27.77 -4.51
N GLU B 178 12.49 27.04 -5.61
CA GLU B 178 12.88 27.68 -6.85
C GLU B 178 11.65 28.20 -7.63
N LYS B 179 10.45 27.86 -7.19
CA LYS B 179 9.22 28.20 -7.88
C LYS B 179 8.54 29.29 -7.11
N SER B 180 7.79 30.08 -7.83
CA SER B 180 7.15 31.23 -7.25
C SER B 180 5.75 30.84 -6.85
N CYS B 181 5.19 31.64 -5.94
CA CYS B 181 3.85 31.44 -5.46
C CYS B 181 3.39 32.81 -5.01
N ASP B 182 2.29 33.29 -5.60
CA ASP B 182 1.70 34.56 -5.25
C ASP B 182 1.39 34.61 -3.77
N GLY B 183 1.73 35.72 -3.15
CA GLY B 183 1.49 35.93 -1.73
C GLY B 183 2.61 35.39 -0.87
N TRP B 184 3.57 34.65 -1.45
CA TRP B 184 4.76 34.18 -0.71
C TRP B 184 5.98 34.99 -1.05
N LEU B 185 6.74 35.33 -0.02
CA LEU B 185 8.00 36.00 -0.21
C LEU B 185 9.07 34.97 -0.57
N ASN B 186 10.01 35.37 -1.41
CA ASN B 186 11.06 34.49 -1.91
C ASN B 186 12.23 34.59 -0.98
N PHE B 187 12.29 33.61 -0.09
CA PHE B 187 13.40 33.52 0.84
C PHE B 187 14.79 33.54 0.21
N LYS B 188 15.00 32.75 -0.83
CA LYS B 188 16.33 32.69 -1.40
C LYS B 188 16.74 34.02 -1.96
N LYS B 189 15.83 34.68 -2.67
CA LYS B 189 16.09 35.98 -3.23
C LYS B 189 16.36 37.00 -2.15
N LEU B 190 15.55 36.97 -1.10
CA LEU B 190 15.71 37.99 -0.08
C LEU B 190 16.99 37.76 0.70
N LEU B 191 17.29 36.48 0.92
CA LEU B 191 18.50 36.06 1.59
C LEU B 191 19.74 36.63 0.91
N ASN B 192 19.80 36.50 -0.42
CA ASN B 192 20.96 36.92 -1.16
C ASN B 192 21.12 38.43 -1.21
N GLU B 193 19.99 39.11 -1.15
CA GLU B 193 19.92 40.56 -0.98
C GLU B 193 20.29 41.14 0.40
N ALA B 194 20.07 40.39 1.48
CA ALA B 194 20.18 40.87 2.87
C ALA B 194 21.63 41.14 3.21
N SER B 195 21.88 42.06 4.13
CA SER B 195 23.23 42.27 4.67
C SER B 195 23.77 41.03 5.41
N THR B 196 25.07 40.84 5.34
CA THR B 196 25.74 39.76 6.10
C THR B 196 26.04 40.18 7.53
N THR B 197 25.64 41.39 7.91
CA THR B 197 25.77 41.84 9.29
C THR B 197 24.40 42.04 9.90
N HIS B 198 24.15 41.29 10.96
CA HIS B 198 23.00 41.45 11.77
C HIS B 198 23.50 41.55 13.19
N HIS B 199 22.87 42.42 13.97
CA HIS B 199 23.23 42.65 15.36
C HIS B 199 22.40 41.70 16.22
N CYS B 200 23.03 40.67 16.71
CA CYS B 200 22.32 39.61 17.44
C CYS B 200 21.58 40.23 18.63
N VAL B 201 20.31 39.89 18.75
CA VAL B 201 19.49 40.24 19.90
C VAL B 201 20.09 39.68 21.18
N GLU B 202 20.07 40.50 22.22
CA GLU B 202 20.66 40.13 23.51
C GLU B 202 19.61 39.39 24.25
N THR B 203 19.31 38.21 23.77
CA THR B 203 18.24 37.42 24.31
C THR B 203 18.50 36.97 25.77
N GLY B 204 17.46 37.02 26.60
CA GLY B 204 17.49 36.46 27.96
C GLY B 204 17.58 34.94 27.97
N SER B 205 18.34 34.42 28.94
CA SER B 205 18.50 32.98 29.08
CA SER B 205 18.52 32.98 29.07
C SER B 205 17.18 32.27 29.23
N GLN B 206 16.20 32.94 29.82
CA GLN B 206 14.88 32.37 30.12
CA GLN B 206 14.90 32.29 30.05
C GLN B 206 13.85 32.80 29.09
N GLU B 207 14.27 33.65 28.16
CA GLU B 207 13.34 34.16 27.14
C GLU B 207 12.97 33.01 26.17
N ALA B 208 11.73 33.01 25.68
CA ALA B 208 11.27 31.98 24.74
C ALA B 208 12.06 32.06 23.45
N SER B 209 12.53 30.90 23.02
CA SER B 209 13.29 30.76 21.76
C SER B 209 12.57 29.86 20.78
N ALA B 210 11.88 28.86 21.31
CA ALA B 210 11.22 27.87 20.47
C ALA B 210 9.99 27.34 21.12
N ILE B 211 9.03 26.99 20.27
CA ILE B 211 7.88 26.19 20.65
C ILE B 211 7.87 24.95 19.80
N TYR B 212 7.85 23.80 20.45
CA TYR B 212 7.72 22.54 19.77
C TYR B 212 6.39 22.01 20.26
N PHE B 213 5.57 21.58 19.33
CA PHE B 213 4.35 20.90 19.69
C PHE B 213 4.72 19.51 20.11
N THR B 214 4.10 19.01 21.17
CA THR B 214 4.34 17.63 21.58
C THR B 214 3.49 16.78 20.66
N SER B 215 3.30 15.52 21.04
CA SER B 215 1.89 15.05 21.15
C SER B 215 1.43 14.75 22.63
N GLY B 219 -2.13 12.99 24.34
CA GLY B 219 -3.35 13.77 23.99
C GLY B 219 -3.20 14.74 22.81
N LEU B 220 -4.03 15.78 22.78
CA LEU B 220 -3.93 16.85 21.77
C LEU B 220 -2.57 17.55 21.88
N PRO B 221 -1.93 17.88 20.73
CA PRO B 221 -0.57 18.41 20.94
C PRO B 221 -0.56 19.70 21.73
N LYS B 222 0.40 19.76 22.65
CA LYS B 222 0.64 20.94 23.45
C LYS B 222 1.89 21.67 22.93
N MET B 223 1.94 22.96 23.26
CA MET B 223 3.02 23.84 22.91
C MET B 223 4.06 23.87 24.00
N ALA B 224 5.19 23.25 23.70
CA ALA B 224 6.29 23.14 24.66
C ALA B 224 7.26 24.28 24.39
N GLU B 225 7.28 25.25 25.29
CA GLU B 225 8.12 26.40 25.06
C GLU B 225 9.47 26.11 25.63
N HIS B 226 10.52 26.35 24.85
CA HIS B 226 11.89 26.31 25.29
C HIS B 226 12.50 27.69 25.20
N SER B 227 13.52 27.88 26.04
CA SER B 227 14.22 29.11 26.14
C SER B 227 15.56 29.00 25.47
N TYR B 228 16.22 30.14 25.34
CA TYR B 228 17.57 30.18 24.75
C TYR B 228 18.56 29.30 25.52
N SER B 229 18.45 29.29 26.84
CA SER B 229 19.33 28.45 27.66
C SER B 229 18.89 26.98 27.70
N SER B 230 17.58 26.70 27.68
CA SER B 230 17.13 25.34 27.80
C SER B 230 17.50 24.55 26.56
N LEU B 231 17.66 25.24 25.42
CA LEU B 231 18.19 24.58 24.25
C LEU B 231 19.67 24.78 24.14
N GLY B 232 20.11 26.02 24.01
CA GLY B 232 21.49 26.30 23.62
C GLY B 232 22.52 26.15 24.72
N LEU B 233 22.19 26.59 25.94
CA LEU B 233 23.10 26.40 27.06
C LEU B 233 23.13 24.94 27.47
N LYS B 234 21.98 24.27 27.47
CA LYS B 234 21.93 22.87 27.81
C LYS B 234 22.84 22.09 26.82
N ALA B 235 22.74 22.45 25.55
CA ALA B 235 23.53 21.76 24.48
C ALA B 235 25.01 22.02 24.70
N LYS B 236 25.35 23.26 25.07
CA LYS B 236 26.74 23.61 25.35
C LYS B 236 27.27 22.72 26.46
N MET B 237 26.44 22.46 27.46
CA MET B 237 26.83 21.61 28.59
C MET B 237 26.91 20.14 28.23
N ASP B 238 26.04 19.69 27.33
CA ASP B 238 26.02 18.32 26.92
C ASP B 238 27.06 18.05 25.84
N ALA B 239 27.66 19.08 25.26
CA ALA B 239 28.42 18.92 24.02
C ALA B 239 29.56 17.93 24.13
N GLY B 240 29.60 16.94 23.24
CA GLY B 240 30.62 15.93 23.30
C GLY B 240 30.16 14.64 23.94
N TRP B 241 28.94 14.59 24.47
CA TRP B 241 28.50 13.31 25.01
C TRP B 241 28.53 12.19 23.95
N THR B 242 28.27 12.57 22.69
CA THR B 242 28.29 11.66 21.54
C THR B 242 29.65 11.08 21.19
N GLY B 243 30.74 11.63 21.72
CA GLY B 243 32.06 11.29 21.23
C GLY B 243 32.58 12.26 20.17
N LEU B 244 31.74 13.18 19.69
CA LEU B 244 32.13 14.09 18.61
C LEU B 244 33.22 15.02 19.10
N GLN B 245 34.19 15.29 18.22
CA GLN B 245 35.17 16.32 18.47
C GLN B 245 35.20 17.38 17.38
N ALA B 246 35.96 18.45 17.68
CA ALA B 246 35.95 19.68 16.87
C ALA B 246 36.23 19.45 15.39
N SER B 247 37.17 18.57 15.07
CA SER B 247 37.50 18.44 13.68
C SER B 247 36.73 17.29 12.99
N ASP B 248 35.59 16.87 13.55
CA ASP B 248 34.82 15.74 13.04
C ASP B 248 33.54 16.16 12.33
N ILE B 249 32.90 15.16 11.72
CA ILE B 249 31.60 15.39 11.05
C ILE B 249 30.53 14.53 11.70
N MET B 250 29.41 15.16 12.03
CA MET B 250 28.27 14.41 12.60
C MET B 250 27.10 14.42 11.66
N TRP B 251 26.53 13.24 11.46
CA TRP B 251 25.31 13.11 10.70
C TRP B 251 24.14 12.76 11.64
N THR B 252 23.30 13.73 11.90
CA THR B 252 22.07 13.47 12.62
C THR B 252 20.98 13.25 11.60
N ILE B 253 20.32 12.09 11.71
CA ILE B 253 19.24 11.74 10.81
C ILE B 253 17.89 11.98 11.47
N SER B 254 17.14 12.98 10.98
CA SER B 254 15.98 13.45 11.69
C SER B 254 15.10 14.22 10.75
N ASP B 255 13.80 14.11 10.97
CA ASP B 255 12.89 15.14 10.52
C ASP B 255 13.30 16.48 11.13
N THR B 256 13.29 17.52 10.31
CA THR B 256 13.65 18.83 10.79
C THR B 256 12.65 19.36 11.82
N GLY B 257 11.48 18.77 11.88
CA GLY B 257 10.44 19.20 12.85
C GLY B 257 10.65 18.70 14.28
N TRP B 258 11.62 17.80 14.49
CA TRP B 258 11.75 17.17 15.78
C TRP B 258 12.77 17.90 16.62
N ILE B 259 12.53 17.96 17.92
CA ILE B 259 13.50 18.66 18.77
C ILE B 259 14.91 18.01 18.64
N LEU B 260 14.95 16.73 18.33
CA LEU B 260 16.23 16.04 18.02
C LEU B 260 17.07 16.80 17.00
N ASN B 261 16.40 17.39 16.01
CA ASN B 261 17.11 18.08 14.97
C ASN B 261 17.86 19.28 15.50
N ILE B 262 17.23 20.08 16.36
CA ILE B 262 17.91 21.28 16.89
C ILE B 262 19.02 20.90 17.87
N LEU B 263 18.76 19.90 18.68
CA LEU B 263 19.70 19.54 19.73
C LEU B 263 20.92 18.87 19.19
N CYS B 264 20.73 18.00 18.19
CA CYS B 264 21.80 17.15 17.73
CA CYS B 264 21.78 17.14 17.73
C CYS B 264 22.34 17.50 16.36
N SER B 265 21.47 17.87 15.42
CA SER B 265 21.92 18.26 14.12
C SER B 265 22.56 19.64 14.13
N LEU B 266 22.13 20.51 15.03
CA LEU B 266 22.63 21.86 15.03
C LEU B 266 23.51 22.16 16.24
N MET B 267 22.92 22.02 17.45
CA MET B 267 23.61 22.45 18.64
C MET B 267 24.79 21.63 19.04
N GLU B 268 24.67 20.32 18.99
CA GLU B 268 25.77 19.46 19.43
C GLU B 268 27.03 19.75 18.60
N PRO B 269 26.96 19.58 17.27
CA PRO B 269 28.19 19.80 16.53
C PRO B 269 28.70 21.22 16.63
N TRP B 270 27.80 22.20 16.60
CA TRP B 270 28.25 23.60 16.59
C TRP B 270 28.79 24.12 17.94
N ALA B 271 28.36 23.54 19.04
CA ALA B 271 28.98 23.77 20.36
C ALA B 271 30.45 23.34 20.32
N LEU B 272 30.79 22.35 19.50
CA LEU B 272 32.14 21.83 19.43
C LEU B 272 32.99 22.35 18.28
N GLY B 273 32.38 23.13 17.39
CA GLY B 273 33.09 23.58 16.17
C GLY B 273 33.15 22.48 15.15
N ALA B 274 32.32 21.45 15.33
CA ALA B 274 32.35 20.30 14.39
C ALA B 274 31.36 20.56 13.24
N CYS B 275 31.47 19.77 12.19
CA CYS B 275 30.65 19.93 11.01
C CYS B 275 29.42 19.10 11.22
N THR B 276 28.25 19.64 10.90
CA THR B 276 27.04 18.80 10.79
C THR B 276 26.78 18.47 9.30
N PHE B 277 26.41 17.22 9.05
CA PHE B 277 26.17 16.68 7.72
C PHE B 277 24.66 16.46 7.61
N VAL B 278 24.09 17.00 6.55
CA VAL B 278 22.69 16.85 6.24
C VAL B 278 22.55 16.32 4.84
N HIS B 279 21.85 15.21 4.74
CA HIS B 279 21.41 14.63 3.49
C HIS B 279 19.93 14.94 3.38
N LEU B 280 19.50 15.49 2.26
CA LEU B 280 18.08 15.65 1.98
C LEU B 280 17.27 14.37 2.28
N LEU B 281 17.81 13.23 1.86
CA LEU B 281 17.23 11.92 2.17
C LEU B 281 15.72 11.96 1.96
N PRO B 282 15.31 12.38 0.78
CA PRO B 282 13.91 12.65 0.47
C PRO B 282 13.03 11.45 0.76
N LYS B 283 13.55 10.29 0.43
CA LYS B 283 12.90 9.03 0.63
C LYS B 283 13.86 8.43 1.59
N PHE B 284 13.33 7.96 2.67
CA PHE B 284 14.15 7.72 3.85
C PHE B 284 14.82 6.42 3.56
N ASP B 285 15.59 6.42 2.47
CA ASP B 285 16.05 5.16 1.95
C ASP B 285 17.31 4.64 2.69
N PRO B 286 17.20 3.45 3.27
CA PRO B 286 18.31 2.91 4.06
C PRO B 286 19.56 2.65 3.20
N LEU B 287 19.36 2.33 1.93
CA LEU B 287 20.51 2.13 1.05
C LEU B 287 21.23 3.44 0.80
N VAL B 288 20.48 4.50 0.60
CA VAL B 288 21.07 5.85 0.55
C VAL B 288 21.86 6.13 1.83
N ILE B 289 21.30 5.79 2.99
CA ILE B 289 22.01 6.04 4.25
C ILE B 289 23.33 5.30 4.24
N LEU B 290 23.31 4.02 3.85
CA LEU B 290 24.51 3.24 3.88
C LEU B 290 25.54 3.78 2.90
N LYS B 291 25.10 4.12 1.70
CA LYS B 291 26.04 4.61 0.72
C LYS B 291 26.70 5.89 1.24
N THR B 292 25.89 6.71 1.88
CA THR B 292 26.33 7.98 2.39
C THR B 292 27.39 7.78 3.48
N LEU B 293 27.14 6.89 4.43
CA LEU B 293 28.17 6.59 5.48
C LEU B 293 29.46 6.07 4.84
N SER B 294 29.31 5.29 3.79
CA SER B 294 30.46 4.67 3.11
C SER B 294 31.18 5.63 2.16
N SER B 295 30.56 6.73 1.76
CA SER B 295 31.12 7.62 0.71
C SER B 295 31.58 8.97 1.24
N TYR B 296 31.25 9.28 2.49
CA TYR B 296 31.61 10.54 3.14
C TYR B 296 32.30 10.25 4.47
N PRO B 297 33.20 11.13 4.89
CA PRO B 297 33.95 10.87 6.11
C PRO B 297 33.16 11.15 7.40
N ILE B 298 32.04 10.48 7.58
CA ILE B 298 31.11 10.77 8.68
C ILE B 298 31.69 9.98 9.86
N LYS B 299 32.00 10.65 10.96
CA LYS B 299 32.59 10.01 12.16
C LYS B 299 31.58 9.67 13.25
N SER B 300 30.52 10.46 13.33
CA SER B 300 29.48 10.25 14.30
C SER B 300 28.17 10.32 13.57
N MET B 301 27.26 9.44 13.97
CA MET B 301 25.90 9.50 13.51
C MET B 301 24.97 9.39 14.67
N MET B 302 23.82 10.00 14.48
CA MET B 302 22.72 9.90 15.41
C MET B 302 21.47 9.63 14.59
N GLY B 303 20.72 8.62 15.00
CA GLY B 303 19.38 8.42 14.45
C GLY B 303 18.54 7.56 15.38
N ALA B 304 17.25 7.51 15.08
CA ALA B 304 16.33 6.67 15.80
C ALA B 304 16.75 5.23 15.62
N PRO B 305 16.33 4.38 16.54
CA PRO B 305 16.75 3.00 16.39
C PRO B 305 16.36 2.37 15.07
N ILE B 306 15.23 2.78 14.49
CA ILE B 306 14.82 2.28 13.19
C ILE B 306 15.93 2.44 12.13
N VAL B 307 16.71 3.51 12.23
CA VAL B 307 17.80 3.71 11.27
C VAL B 307 18.82 2.56 11.36
N TYR B 308 19.13 2.17 12.58
CA TYR B 308 20.06 1.07 12.77
C TYR B 308 19.45 -0.25 12.33
N ARG B 309 18.19 -0.47 12.65
CA ARG B 309 17.50 -1.68 12.24
C ARG B 309 17.43 -1.81 10.73
N MET B 310 17.10 -0.69 10.07
CA MET B 310 17.07 -0.66 8.60
C MET B 310 18.42 -0.95 7.98
N LEU B 311 19.47 -0.36 8.53
CA LEU B 311 20.85 -0.56 8.04
C LEU B 311 21.35 -2.00 8.19
N LEU B 312 20.96 -2.65 9.29
CA LEU B 312 21.26 -4.06 9.48
C LEU B 312 20.57 -4.97 8.47
N GLN B 313 19.48 -4.52 7.86
CA GLN B 313 18.85 -5.28 6.80
C GLN B 313 19.44 -4.99 5.43
N GLN B 314 20.41 -4.09 5.38
CA GLN B 314 21.17 -3.85 4.14
C GLN B 314 22.42 -4.72 4.09
N ASP B 315 23.04 -4.80 2.91
CA ASP B 315 24.27 -5.54 2.71
C ASP B 315 25.44 -4.74 3.27
N LEU B 316 25.70 -4.90 4.55
CA LEU B 316 26.91 -4.28 5.14
C LEU B 316 28.25 -4.98 4.82
N SER B 317 28.26 -6.00 3.99
CA SER B 317 29.54 -6.51 3.55
C SER B 317 30.02 -5.58 2.42
N SER B 318 29.07 -4.94 1.74
CA SER B 318 29.35 -4.19 0.54
C SER B 318 29.67 -2.71 0.73
N TYR B 319 29.40 -2.15 1.89
CA TYR B 319 29.45 -0.70 2.00
C TYR B 319 30.10 -0.27 3.30
N LYS B 320 31.39 -0.57 3.40
CA LYS B 320 32.13 -0.41 4.64
C LYS B 320 32.23 1.04 5.00
N PHE B 321 32.24 1.33 6.29
CA PHE B 321 32.34 2.73 6.73
C PHE B 321 33.34 2.88 7.87
N PRO B 322 34.63 2.63 7.57
CA PRO B 322 35.67 2.56 8.59
C PRO B 322 35.90 3.86 9.32
N HIS B 323 35.50 4.98 8.72
CA HIS B 323 35.60 6.30 9.35
C HIS B 323 34.61 6.50 10.53
N LEU B 324 33.49 5.79 10.51
CA LEU B 324 32.43 5.96 11.50
C LEU B 324 32.92 5.46 12.86
N GLN B 325 32.83 6.28 13.89
CA GLN B 325 33.33 5.87 15.21
C GLN B 325 32.22 5.92 16.23
N ASN B 326 31.33 6.89 16.13
CA ASN B 326 30.32 7.11 17.18
C ASN B 326 28.92 6.97 16.65
N CYS B 327 28.17 6.07 17.28
CA CYS B 327 26.79 5.82 16.89
C CYS B 327 25.95 6.06 18.11
N VAL B 328 25.04 7.01 18.01
CA VAL B 328 24.11 7.29 19.08
C VAL B 328 22.71 7.12 18.57
N THR B 329 21.79 6.92 19.50
CA THR B 329 20.40 6.82 19.18
C THR B 329 19.53 7.45 20.27
N VAL B 330 18.33 7.86 19.88
CA VAL B 330 17.32 8.32 20.81
C VAL B 330 15.97 7.98 20.25
N GLY B 331 14.96 7.96 21.09
CA GLY B 331 13.61 8.14 20.60
C GLY B 331 12.70 6.94 20.72
N GLU B 332 13.26 5.81 21.08
CA GLU B 332 12.52 4.56 21.29
C GLU B 332 13.59 3.67 21.89
N SER B 333 13.23 2.61 22.61
CA SER B 333 14.28 1.77 23.26
C SER B 333 15.11 1.07 22.23
N LEU B 334 16.41 1.07 22.43
CA LEU B 334 17.32 0.33 21.59
C LEU B 334 17.32 -1.14 22.08
N LEU B 335 16.75 -2.03 21.30
CA LEU B 335 16.76 -3.46 21.61
C LEU B 335 18.20 -3.92 21.79
N PRO B 336 18.47 -4.70 22.85
CA PRO B 336 19.77 -5.37 22.96
C PRO B 336 20.16 -6.13 21.70
N GLU B 337 19.18 -6.70 21.00
CA GLU B 337 19.38 -7.43 19.74
C GLU B 337 20.07 -6.52 18.70
N THR B 338 19.63 -5.27 18.65
CA THR B 338 20.05 -4.34 17.60
C THR B 338 21.41 -3.92 17.94
N LEU B 339 21.60 -3.61 19.22
CA LEU B 339 22.90 -3.27 19.73
C LEU B 339 23.90 -4.36 19.41
N GLU B 340 23.60 -5.60 19.78
CA GLU B 340 24.47 -6.72 19.55
CA GLU B 340 24.59 -6.64 19.56
C GLU B 340 24.78 -6.91 18.06
N ASN B 341 23.71 -6.89 17.25
N ASN B 341 23.70 -6.87 17.26
CA ASN B 341 23.84 -7.10 15.79
CA ASN B 341 23.79 -7.15 15.80
C ASN B 341 24.81 -6.08 15.25
C ASN B 341 24.59 -6.06 15.08
N TRP B 342 24.54 -4.83 15.58
CA TRP B 342 25.31 -3.73 15.06
C TRP B 342 26.76 -3.90 15.46
N ARG B 343 27.00 -4.26 16.71
CA ARG B 343 28.36 -4.55 17.13
C ARG B 343 28.97 -5.67 16.33
N ALA B 344 28.20 -6.71 16.08
CA ALA B 344 28.73 -7.84 15.29
C ALA B 344 29.17 -7.41 13.87
N GLN B 345 28.35 -6.62 13.19
CA GLN B 345 28.56 -6.28 11.79
C GLN B 345 29.50 -5.12 11.57
N THR B 346 29.56 -4.21 12.53
CA THR B 346 30.28 -2.96 12.30
C THR B 346 31.48 -2.82 13.19
N GLY B 347 31.50 -3.58 14.27
CA GLY B 347 32.43 -3.39 15.36
C GLY B 347 32.13 -2.21 16.25
N LEU B 348 30.97 -1.56 16.06
CA LEU B 348 30.68 -0.32 16.75
C LEU B 348 29.62 -0.48 17.80
N ASP B 349 29.69 0.35 18.82
CA ASP B 349 28.68 0.40 19.85
C ASP B 349 27.61 1.40 19.43
N ILE B 350 26.36 1.17 19.82
CA ILE B 350 25.36 2.17 19.70
C ILE B 350 25.14 2.63 21.14
N ARG B 351 25.36 3.93 21.40
CA ARG B 351 25.09 4.53 22.71
C ARG B 351 23.77 5.25 22.73
N GLU B 352 22.92 4.80 23.65
CA GLU B 352 21.59 5.26 23.72
C GLU B 352 21.49 6.53 24.59
N SER B 353 20.44 7.27 24.32
CA SER B 353 20.06 8.46 25.06
C SER B 353 18.56 8.45 25.09
N TYR B 354 18.01 9.28 25.95
CA TYR B 354 16.62 9.32 26.17
C TYR B 354 16.22 10.73 26.49
N GLY B 355 15.03 11.10 26.08
CA GLY B 355 14.51 12.35 26.54
C GLY B 355 13.16 12.58 25.92
N GLN B 356 12.68 13.80 26.05
CA GLN B 356 11.38 14.15 25.48
C GLN B 356 11.42 15.59 25.14
N THR B 357 10.38 16.03 24.44
CA THR B 357 10.27 17.41 23.95
C THR B 357 10.48 18.37 25.08
N GLU B 358 9.86 18.11 26.24
CA GLU B 358 9.89 19.06 27.37
C GLU B 358 11.25 19.16 28.12
N THR B 359 12.06 18.12 27.99
CA THR B 359 13.29 18.04 28.74
C THR B 359 14.53 17.88 27.91
N GLY B 360 14.39 17.66 26.62
CA GLY B 360 15.53 17.40 25.77
C GLY B 360 16.24 16.16 26.20
N LEU B 361 17.58 16.20 26.11
CA LEU B 361 18.42 15.05 26.45
CA LEU B 361 18.40 15.04 26.44
C LEU B 361 18.46 14.85 27.96
N THR B 362 17.93 13.72 28.40
CA THR B 362 17.65 13.51 29.83
C THR B 362 18.58 12.48 30.49
N CYS B 363 18.78 11.35 29.80
CA CYS B 363 19.77 10.35 30.15
C CYS B 363 20.53 9.99 28.88
N MET B 364 21.79 9.63 29.01
CA MET B 364 22.56 9.15 27.86
C MET B 364 23.68 8.32 28.35
N VAL B 365 24.10 7.40 27.48
CA VAL B 365 25.34 6.67 27.63
C VAL B 365 26.34 7.52 26.90
N SER B 366 27.21 8.18 27.66
CA SER B 366 28.24 9.04 27.03
C SER B 366 29.38 8.16 26.52
N LYS B 367 30.23 8.74 25.67
CA LYS B 367 31.24 7.92 25.00
C LYS B 367 32.20 7.26 25.98
N THR B 368 32.50 7.85 27.13
CA THR B 368 33.37 7.19 28.11
C THR B 368 32.66 6.11 28.93
N MET B 369 31.33 6.04 28.87
CA MET B 369 30.57 5.11 29.73
C MET B 369 30.50 3.72 29.15
N LYS B 370 30.44 2.73 30.04
CA LYS B 370 30.24 1.33 29.62
C LYS B 370 28.81 1.19 29.08
N ILE B 371 28.64 0.41 28.03
CA ILE B 371 27.33 0.13 27.51
C ILE B 371 26.71 -0.99 28.34
N LYS B 372 25.46 -0.78 28.73
CA LYS B 372 24.68 -1.82 29.41
C LYS B 372 23.48 -2.02 28.50
N PRO B 373 23.41 -3.18 27.81
CA PRO B 373 22.26 -3.49 26.96
C PRO B 373 20.94 -3.34 27.69
N GLY B 374 20.00 -2.62 27.09
CA GLY B 374 18.70 -2.37 27.70
C GLY B 374 18.61 -1.17 28.61
N TYR B 375 19.72 -0.49 28.83
CA TYR B 375 19.73 0.70 29.65
C TYR B 375 20.06 1.86 28.75
N MET B 376 19.48 2.98 29.11
CA MET B 376 19.59 4.17 28.34
CA MET B 376 19.61 4.17 28.33
C MET B 376 20.54 5.18 29.00
N GLY B 377 21.33 4.72 29.95
CA GLY B 377 22.36 5.58 30.56
C GLY B 377 21.98 6.32 31.83
N THR B 378 22.71 7.37 32.11
CA THR B 378 22.63 8.09 33.37
C THR B 378 22.27 9.53 33.04
N ALA B 379 22.01 10.33 34.07
CA ALA B 379 21.47 11.65 33.88
C ALA B 379 22.42 12.52 33.09
N ALA B 380 21.87 13.39 32.27
CA ALA B 380 22.61 14.43 31.58
C ALA B 380 23.14 15.35 32.65
N SER B 381 24.25 16.04 32.38
CA SER B 381 25.01 16.67 33.48
C SER B 381 24.15 17.67 34.27
N CYS B 382 23.20 18.36 33.62
CA CYS B 382 22.37 19.34 34.32
C CYS B 382 21.24 18.73 35.19
N TYR B 383 21.06 17.42 35.17
CA TYR B 383 19.83 16.89 35.71
C TYR B 383 20.08 15.90 36.83
N ASP B 384 19.24 16.00 37.84
CA ASP B 384 19.13 14.96 38.87
C ASP B 384 17.89 14.17 38.47
N VAL B 385 18.13 13.04 37.81
CA VAL B 385 17.04 12.16 37.37
C VAL B 385 16.93 11.09 38.43
N GLN B 386 15.69 10.78 38.82
CA GLN B 386 15.44 9.79 39.81
C GLN B 386 14.23 9.01 39.40
N ILE B 387 14.10 7.84 40.00
CA ILE B 387 12.85 7.09 40.01
C ILE B 387 12.08 7.43 41.24
N ILE B 388 10.83 7.85 41.07
CA ILE B 388 10.10 8.34 42.19
C ILE B 388 8.79 7.63 42.37
N ASP B 389 8.34 7.63 43.62
CA ASP B 389 7.13 6.95 44.00
C ASP B 389 5.94 7.89 43.84
N ASP B 390 4.75 7.41 44.20
CA ASP B 390 3.52 8.17 44.06
C ASP B 390 3.45 9.46 44.89
N LYS B 391 4.30 9.62 45.90
CA LYS B 391 4.34 10.85 46.68
C LYS B 391 5.51 11.72 46.28
N GLY B 392 6.26 11.32 45.27
CA GLY B 392 7.43 12.10 44.89
C GLY B 392 8.69 11.84 45.69
N ASN B 393 8.76 10.73 46.42
CA ASN B 393 9.97 10.26 47.10
C ASN B 393 10.88 9.49 46.14
N VAL B 394 12.20 9.70 46.30
CA VAL B 394 13.25 8.96 45.56
C VAL B 394 13.22 7.52 46.03
N LEU B 395 13.26 6.63 45.06
CA LEU B 395 13.18 5.22 45.30
C LEU B 395 14.59 4.67 45.21
N PRO B 396 14.84 3.57 45.90
CA PRO B 396 16.13 2.93 45.79
C PRO B 396 16.38 2.26 44.44
N PRO B 397 17.63 1.92 44.12
CA PRO B 397 17.79 1.18 42.89
C PRO B 397 17.01 -0.11 42.87
N GLY B 398 16.58 -0.52 41.68
CA GLY B 398 15.99 -1.82 41.50
C GLY B 398 14.48 -1.73 41.65
N THR B 399 13.97 -0.54 42.02
CA THR B 399 12.53 -0.38 42.24
C THR B 399 11.90 0.44 41.13
N GLU B 400 10.89 -0.15 40.49
CA GLU B 400 10.17 0.57 39.45
C GLU B 400 9.42 1.75 40.01
N GLY B 401 9.52 2.86 39.31
CA GLY B 401 8.63 3.98 39.59
C GLY B 401 8.57 4.90 38.39
N ASP B 402 8.33 6.16 38.65
CA ASP B 402 8.19 7.17 37.58
C ASP B 402 9.49 7.91 37.44
N ILE B 403 9.91 8.09 36.22
CA ILE B 403 11.15 8.78 35.96
C ILE B 403 10.84 10.26 36.12
N GLY B 404 11.70 10.92 36.89
CA GLY B 404 11.57 12.30 37.27
C GLY B 404 12.87 13.08 37.20
N ILE B 405 12.73 14.35 36.89
CA ILE B 405 13.89 15.22 36.98
C ILE B 405 13.58 16.18 38.12
N ARG B 406 14.55 16.39 39.00
CA ARG B 406 14.38 17.26 40.12
C ARG B 406 14.34 18.69 39.63
N VAL B 407 13.23 19.37 39.95
CA VAL B 407 13.02 20.74 39.56
C VAL B 407 12.77 21.71 40.72
N LYS B 408 12.77 21.20 41.93
CA LYS B 408 12.75 22.02 43.15
C LYS B 408 13.86 21.54 44.09
N PRO B 409 14.58 22.47 44.74
CA PRO B 409 14.39 23.91 44.70
C PRO B 409 14.92 24.60 43.43
N ILE B 410 15.81 23.93 42.70
CA ILE B 410 16.40 24.53 41.48
C ILE B 410 15.91 23.81 40.22
N ARG B 411 15.30 24.54 39.28
CA ARG B 411 14.88 24.00 38.00
C ARG B 411 16.16 23.96 37.15
N PRO B 412 16.55 22.79 36.70
CA PRO B 412 17.80 22.69 35.95
C PRO B 412 17.73 23.33 34.54
N ILE B 413 18.90 23.70 34.09
CA ILE B 413 19.11 24.11 32.69
C ILE B 413 18.76 22.94 31.78
N GLY B 414 17.91 23.22 30.82
CA GLY B 414 17.52 22.22 29.84
C GLY B 414 16.06 21.90 29.85
N ILE B 415 15.41 22.03 30.99
CA ILE B 415 13.97 21.78 31.03
C ILE B 415 13.19 22.94 30.39
N PHE B 416 12.11 22.62 29.70
CA PHE B 416 11.34 23.61 29.02
C PHE B 416 10.74 24.59 30.00
N SER B 417 10.08 25.63 29.50
CA SER B 417 9.59 26.70 30.34
C SER B 417 8.14 26.50 30.73
N GLY B 418 7.48 25.52 30.15
CA GLY B 418 6.08 25.22 30.40
C GLY B 418 5.27 25.11 29.15
N TYR B 419 4.06 24.57 29.28
CA TYR B 419 3.16 24.48 28.15
C TYR B 419 2.58 25.85 27.91
N VAL B 420 2.70 26.35 26.69
CA VAL B 420 2.21 27.69 26.38
C VAL B 420 0.73 27.76 26.61
N ASP B 421 0.32 28.82 27.29
CA ASP B 421 -1.06 29.13 27.68
C ASP B 421 -1.70 28.09 28.60
N ASN B 422 -0.92 27.15 29.13
CA ASN B 422 -1.45 26.03 29.92
C ASN B 422 -0.60 25.69 31.16
N PRO B 423 -0.40 26.69 32.04
CA PRO B 423 0.29 26.45 33.30
C PRO B 423 -0.29 25.29 34.12
N ASP B 424 -1.58 25.00 33.98
CA ASP B 424 -2.21 23.91 34.77
C ASP B 424 -1.72 22.55 34.32
N LYS B 425 -1.58 22.39 33.00
CA LYS B 425 -0.97 21.17 32.46
C LYS B 425 0.47 21.03 32.84
N THR B 426 1.25 22.13 32.82
CA THR B 426 2.64 22.10 33.35
C THR B 426 2.67 21.66 34.84
N ALA B 427 1.84 22.28 35.66
CA ALA B 427 1.78 21.90 37.08
C ALA B 427 1.33 20.43 37.25
N ALA B 428 0.41 19.97 36.40
CA ALA B 428 -0.11 18.58 36.49
C ALA B 428 1.01 17.55 36.43
N ASN B 429 2.16 17.96 35.92
CA ASN B 429 3.25 17.08 35.70
C ASN B 429 4.36 17.23 36.75
N ILE B 430 4.13 18.05 37.77
CA ILE B 430 5.09 18.23 38.83
C ILE B 430 4.57 17.42 39.98
N ARG B 431 5.39 16.52 40.47
CA ARG B 431 5.08 15.78 41.67
C ARG B 431 6.18 15.99 42.67
N GLY B 432 5.81 16.66 43.75
CA GLY B 432 6.73 17.08 44.78
C GLY B 432 7.78 17.94 44.16
N ASP B 433 9.03 17.50 44.23
CA ASP B 433 10.11 18.31 43.74
C ASP B 433 10.49 17.88 42.30
N PHE B 434 9.68 17.01 41.67
CA PHE B 434 10.05 16.39 40.40
C PHE B 434 9.11 16.70 39.23
N TRP B 435 9.74 16.97 38.09
CA TRP B 435 9.07 16.96 36.82
C TRP B 435 8.92 15.51 36.38
N LEU B 436 7.69 15.06 36.21
CA LEU B 436 7.44 13.72 35.68
C LEU B 436 7.57 13.61 34.18
N LEU B 437 8.46 12.74 33.71
CA LEU B 437 8.51 12.42 32.31
C LEU B 437 7.27 11.68 31.78
N GLY B 438 6.53 11.01 32.65
CA GLY B 438 5.37 10.18 32.27
C GLY B 438 5.79 8.76 31.85
N ASP B 439 7.07 8.47 32.01
CA ASP B 439 7.62 7.17 31.78
C ASP B 439 8.00 6.50 33.10
N ARG B 440 7.77 5.22 33.16
CA ARG B 440 8.28 4.34 34.18
C ARG B 440 9.74 4.00 33.92
N GLY B 441 10.45 3.72 35.00
CA GLY B 441 11.87 3.43 34.91
C GLY B 441 12.33 2.73 36.15
N ILE B 442 13.45 2.07 36.01
CA ILE B 442 14.16 1.49 37.12
C ILE B 442 15.59 1.98 36.94
N LYS B 443 16.26 2.20 38.05
CA LYS B 443 17.67 2.60 38.05
C LYS B 443 18.50 1.52 38.68
N ASP B 444 19.67 1.22 38.09
CA ASP B 444 20.48 0.14 38.63
C ASP B 444 21.53 0.72 39.59
N GLU B 445 22.33 -0.14 40.18
CA GLU B 445 23.36 0.30 41.11
C GLU B 445 24.32 1.39 40.65
N ASP B 446 24.57 1.49 39.34
CA ASP B 446 25.50 2.51 38.81
C ASP B 446 24.75 3.71 38.32
N GLY B 447 23.43 3.74 38.56
CA GLY B 447 22.66 4.89 38.17
C GLY B 447 22.13 4.85 36.78
N TYR B 448 22.33 3.71 36.10
CA TYR B 448 21.77 3.61 34.74
C TYR B 448 20.28 3.36 34.81
N PHE B 449 19.57 4.01 33.93
CA PHE B 449 18.10 3.91 33.85
C PHE B 449 17.67 2.88 32.83
N GLN B 450 16.64 2.15 33.19
CA GLN B 450 15.99 1.25 32.27
C GLN B 450 14.56 1.70 32.08
N PHE B 451 14.20 1.89 30.82
CA PHE B 451 12.89 2.42 30.44
C PHE B 451 11.90 1.31 30.56
N MET B 452 10.77 1.58 31.19
CA MET B 452 9.79 0.56 31.59
C MET B 452 8.41 0.91 31.06
N GLY B 453 8.36 1.82 30.07
CA GLY B 453 7.12 2.17 29.36
C GLY B 453 6.41 3.44 29.82
N ARG B 454 5.47 3.90 29.01
CA ARG B 454 4.60 5.01 29.41
C ARG B 454 3.74 4.62 30.56
N ALA B 455 3.85 5.41 31.63
CA ALA B 455 3.07 5.20 32.84
C ALA B 455 1.59 5.06 32.52
N ASP B 456 1.05 5.98 31.70
CA ASP B 456 -0.39 5.99 31.39
C ASP B 456 -0.86 4.74 30.65
N ASP B 457 0.06 3.99 30.09
CA ASP B 457 -0.29 2.89 29.21
C ASP B 457 -0.32 1.61 29.92
N ILE B 458 0.24 1.58 31.14
CA ILE B 458 0.36 0.36 31.88
C ILE B 458 -1.06 -0.03 32.24
N ILE B 459 -1.31 -1.32 32.23
CA ILE B 459 -2.66 -1.83 32.48
C ILE B 459 -2.73 -2.51 33.85
N ASN B 460 -3.74 -2.14 34.62
CA ASN B 460 -3.94 -2.68 35.96
C ASN B 460 -5.06 -3.70 35.93
N SER B 461 -4.74 -4.99 35.88
CA SER B 461 -5.79 -6.01 35.82
C SER B 461 -5.67 -7.04 36.96
N SER B 462 -6.69 -7.09 37.81
CA SER B 462 -6.77 -8.08 38.89
C SER B 462 -5.49 -8.09 39.76
N GLY B 463 -4.95 -6.90 40.03
CA GLY B 463 -3.74 -6.76 40.84
C GLY B 463 -2.41 -6.84 40.11
N TYR B 464 -2.44 -7.28 38.86
CA TYR B 464 -1.22 -7.41 38.05
C TYR B 464 -1.07 -6.16 37.16
N ARG B 465 0.16 -5.66 37.09
CA ARG B 465 0.53 -4.59 36.15
C ARG B 465 1.05 -5.15 34.84
N ILE B 466 0.47 -4.68 33.73
CA ILE B 466 0.83 -5.23 32.43
C ILE B 466 1.29 -4.08 31.53
N GLY B 467 2.48 -4.24 30.97
CA GLY B 467 3.03 -3.30 30.04
C GLY B 467 2.53 -3.67 28.65
N PRO B 468 1.85 -2.74 27.98
CA PRO B 468 1.40 -3.11 26.62
C PRO B 468 2.50 -3.48 25.62
N SER B 469 3.71 -2.94 25.77
CA SER B 469 4.73 -3.15 24.74
C SER B 469 5.11 -4.61 24.61
N GLU B 470 5.17 -5.29 25.74
CA GLU B 470 5.45 -6.72 25.79
C GLU B 470 4.36 -7.52 25.08
N VAL B 471 3.10 -7.22 25.40
CA VAL B 471 1.98 -7.90 24.75
C VAL B 471 1.97 -7.58 23.25
N GLU B 472 2.18 -6.31 22.89
CA GLU B 472 2.28 -5.92 21.48
C GLU B 472 3.40 -6.65 20.75
N ASN B 473 4.58 -6.73 21.39
CA ASN B 473 5.71 -7.46 20.82
C ASN B 473 5.37 -8.94 20.61
N ALA B 474 4.73 -9.53 21.62
CA ALA B 474 4.22 -10.89 21.53
C ALA B 474 3.29 -11.06 20.31
N LEU B 475 2.22 -10.29 20.25
CA LEU B 475 1.32 -10.33 19.09
C LEU B 475 2.02 -10.17 17.76
N MET B 476 3.01 -9.27 17.67
CA MET B 476 3.70 -9.00 16.44
C MET B 476 4.58 -10.14 15.93
N GLU B 477 4.90 -11.11 16.79
CA GLU B 477 5.53 -12.37 16.33
C GLU B 477 4.59 -13.35 15.59
N HIS B 478 3.28 -13.13 15.68
CA HIS B 478 2.32 -14.00 14.97
C HIS B 478 2.13 -13.46 13.55
N PRO B 479 2.23 -14.34 12.52
CA PRO B 479 2.20 -13.83 11.16
C PRO B 479 0.86 -13.16 10.73
N ALA B 480 -0.20 -13.35 11.51
CA ALA B 480 -1.53 -12.76 11.25
C ALA B 480 -1.53 -11.30 11.59
N VAL B 481 -0.53 -10.86 12.37
CA VAL B 481 -0.56 -9.51 12.91
C VAL B 481 0.32 -8.58 12.10
N VAL B 482 -0.32 -7.56 11.54
CA VAL B 482 0.38 -6.49 10.85
C VAL B 482 0.71 -5.40 11.82
N GLU B 483 -0.23 -5.07 12.69
CA GLU B 483 -0.05 -3.94 13.56
C GLU B 483 -0.91 -4.19 14.78
N THR B 484 -0.50 -3.71 15.96
CA THR B 484 -1.29 -3.94 17.14
C THR B 484 -1.08 -2.86 18.17
N ALA B 485 -2.14 -2.59 18.94
CA ALA B 485 -2.12 -1.64 20.06
C ALA B 485 -2.78 -2.37 21.21
N VAL B 486 -2.15 -2.36 22.37
CA VAL B 486 -2.72 -3.07 23.53
C VAL B 486 -3.01 -2.00 24.57
N ILE B 487 -4.23 -2.03 25.08
CA ILE B 487 -4.73 -1.01 26.01
C ILE B 487 -5.64 -1.71 27.05
N SER B 488 -6.03 -0.94 28.05
CA SER B 488 -6.92 -1.42 29.08
C SER B 488 -8.37 -1.23 28.67
N SER B 489 -9.20 -2.18 29.08
CA SER B 489 -10.62 -2.15 28.79
C SER B 489 -11.30 -2.33 30.13
N PRO B 490 -12.40 -1.59 30.38
CA PRO B 490 -13.01 -1.60 31.71
C PRO B 490 -13.66 -2.94 32.02
N ASP B 491 -13.49 -3.41 33.27
CA ASP B 491 -14.06 -4.69 33.70
C ASP B 491 -14.42 -4.74 35.19
N PRO B 492 -15.71 -4.88 35.50
CA PRO B 492 -16.17 -4.98 36.89
C PRO B 492 -15.35 -5.95 37.74
N VAL B 493 -15.28 -7.21 37.34
CA VAL B 493 -14.74 -8.28 38.19
C VAL B 493 -13.22 -8.21 38.36
N ARG B 494 -12.55 -7.65 37.35
CA ARG B 494 -11.09 -7.65 37.26
C ARG B 494 -10.49 -6.24 37.31
N GLY B 495 -11.35 -5.23 37.43
CA GLY B 495 -10.96 -3.81 37.45
C GLY B 495 -10.96 -3.29 36.03
N GLU B 496 -9.93 -3.68 35.31
CA GLU B 496 -9.86 -3.51 33.88
C GLU B 496 -9.20 -4.76 33.31
N VAL B 497 -9.06 -4.84 32.00
CA VAL B 497 -8.49 -6.02 31.38
C VAL B 497 -7.66 -5.60 30.18
N VAL B 498 -6.74 -6.48 29.80
CA VAL B 498 -5.89 -6.25 28.64
C VAL B 498 -6.75 -6.44 27.38
N LYS B 499 -6.67 -5.50 26.45
CA LYS B 499 -7.31 -5.63 25.14
C LYS B 499 -6.36 -5.24 24.02
N ALA B 500 -6.31 -6.06 22.97
CA ALA B 500 -5.46 -5.79 21.83
C ALA B 500 -6.30 -5.36 20.66
N PHE B 501 -5.90 -4.29 20.01
CA PHE B 501 -6.48 -3.96 18.74
C PHE B 501 -5.48 -4.52 17.77
N VAL B 502 -5.98 -5.28 16.82
CA VAL B 502 -5.16 -5.99 15.90
C VAL B 502 -5.56 -5.68 14.45
N VAL B 503 -4.58 -5.24 13.66
CA VAL B 503 -4.72 -5.17 12.19
C VAL B 503 -4.19 -6.47 11.57
N LEU B 504 -5.09 -7.23 10.95
CA LEU B 504 -4.72 -8.48 10.36
C LEU B 504 -4.03 -8.30 9.03
N ALA B 505 -3.03 -9.14 8.79
CA ALA B 505 -2.54 -9.46 7.47
C ALA B 505 -3.72 -9.81 6.59
N SER B 506 -3.65 -9.42 5.33
CA SER B 506 -4.81 -9.50 4.45
C SER B 506 -5.30 -10.92 4.26
N GLN B 507 -4.42 -11.91 4.33
CA GLN B 507 -4.82 -13.31 4.16
C GLN B 507 -5.55 -13.87 5.37
N PHE B 508 -5.36 -13.25 6.53
CA PHE B 508 -6.09 -13.69 7.73
C PHE B 508 -7.50 -13.13 7.84
N LEU B 509 -7.86 -12.21 6.95
CA LEU B 509 -9.14 -11.54 7.02
C LEU B 509 -10.30 -12.52 6.80
N SER B 510 -10.03 -13.58 6.06
CA SER B 510 -11.00 -14.63 5.74
C SER B 510 -11.18 -15.61 6.90
N HIS B 511 -10.15 -15.72 7.74
CA HIS B 511 -10.19 -16.58 8.91
C HIS B 511 -11.36 -16.24 9.82
N ASP B 512 -11.89 -17.26 10.45
CA ASP B 512 -12.92 -17.13 11.50
C ASP B 512 -12.35 -16.30 12.64
N PRO B 513 -12.96 -15.16 12.95
CA PRO B 513 -12.36 -14.23 13.92
C PRO B 513 -12.34 -14.73 15.38
N GLU B 514 -13.42 -15.39 15.82
CA GLU B 514 -13.43 -16.04 17.16
C GLU B 514 -12.28 -17.05 17.31
N GLN B 515 -12.08 -17.90 16.30
CA GLN B 515 -10.99 -18.89 16.30
C GLN B 515 -9.61 -18.25 16.24
N LEU B 516 -9.45 -17.26 15.37
CA LEU B 516 -8.21 -16.49 15.36
C LEU B 516 -8.01 -15.76 16.70
N THR B 517 -9.08 -15.24 17.29
CA THR B 517 -8.97 -14.57 18.61
C THR B 517 -8.39 -15.52 19.66
N LYS B 518 -8.84 -16.77 19.68
CA LYS B 518 -8.29 -17.74 20.62
C LYS B 518 -6.83 -18.04 20.30
N GLU B 519 -6.56 -18.33 19.04
CA GLU B 519 -5.22 -18.65 18.56
C GLU B 519 -4.20 -17.56 18.91
N LEU B 520 -4.64 -16.30 18.83
CA LEU B 520 -3.82 -15.16 19.23
C LEU B 520 -3.70 -15.09 20.77
N GLN B 521 -4.80 -15.22 21.46
CA GLN B 521 -4.82 -15.22 22.94
C GLN B 521 -3.90 -16.32 23.48
N GLN B 522 -4.07 -17.54 23.00
CA GLN B 522 -3.22 -18.66 23.41
C GLN B 522 -1.77 -18.40 23.05
N HIS B 523 -1.54 -17.80 21.89
CA HIS B 523 -0.17 -17.49 21.47
C HIS B 523 0.53 -16.50 22.39
N VAL B 524 -0.21 -15.51 22.90
CA VAL B 524 0.40 -14.56 23.83
C VAL B 524 0.63 -15.21 25.20
N LYS B 525 -0.30 -16.04 25.67
CA LYS B 525 -0.14 -16.80 26.93
C LYS B 525 1.12 -17.67 26.91
N SER B 526 1.58 -18.04 25.71
CA SER B 526 2.79 -18.84 25.55
C SER B 526 4.11 -18.04 25.56
N VAL B 527 4.16 -16.92 24.84
CA VAL B 527 5.35 -16.03 24.82
C VAL B 527 5.60 -15.27 26.13
N THR B 528 4.62 -15.19 27.03
CA THR B 528 4.75 -14.41 28.28
C THR B 528 3.76 -14.88 29.35
N ALA B 529 3.77 -14.27 30.53
CA ALA B 529 2.84 -14.70 31.57
C ALA B 529 1.40 -14.68 31.07
N PRO B 530 0.64 -15.77 31.30
CA PRO B 530 -0.80 -15.81 31.11
C PRO B 530 -1.61 -14.66 31.67
N TYR B 531 -1.16 -14.03 32.76
CA TYR B 531 -1.84 -12.84 33.28
C TYR B 531 -1.71 -11.61 32.33
N LYS B 532 -0.81 -11.68 31.36
CA LYS B 532 -0.65 -10.58 30.36
C LYS B 532 -1.53 -10.64 29.10
N TYR B 533 -2.18 -11.79 28.86
CA TYR B 533 -2.85 -12.01 27.56
C TYR B 533 -4.02 -11.00 27.37
N PRO B 534 -4.26 -10.58 26.11
CA PRO B 534 -5.43 -9.74 25.81
C PRO B 534 -6.73 -10.49 25.96
N ARG B 535 -7.47 -10.20 27.04
CA ARG B 535 -8.72 -10.91 27.27
C ARG B 535 -9.75 -10.49 26.23
N LYS B 536 -9.56 -9.29 25.68
CA LYS B 536 -10.35 -8.79 24.57
C LYS B 536 -9.43 -8.55 23.37
N ILE B 537 -9.87 -8.96 22.19
CA ILE B 537 -9.11 -8.67 20.95
C ILE B 537 -10.14 -8.17 19.97
N GLU B 538 -9.88 -7.00 19.40
CA GLU B 538 -10.73 -6.46 18.38
C GLU B 538 -9.91 -6.27 17.13
N PHE B 539 -10.45 -6.75 16.03
CA PHE B 539 -9.78 -6.62 14.74
C PHE B 539 -10.27 -5.38 14.12
N VAL B 540 -9.32 -4.60 13.63
CA VAL B 540 -9.56 -3.32 13.04
C VAL B 540 -8.70 -3.16 11.78
N LEU B 541 -9.13 -2.25 10.92
CA LEU B 541 -8.41 -2.06 9.65
C LEU B 541 -7.26 -1.09 9.72
N ASN B 542 -7.23 -0.30 10.79
CA ASN B 542 -6.16 0.62 11.04
C ASN B 542 -6.21 1.02 12.49
N LEU B 543 -5.07 1.49 12.96
CA LEU B 543 -4.97 2.11 14.26
C LEU B 543 -4.78 3.59 14.05
N PRO B 544 -5.29 4.41 14.99
CA PRO B 544 -5.10 5.85 14.92
C PRO B 544 -3.64 6.20 15.25
N LYS B 545 -3.05 7.09 14.45
CA LYS B 545 -1.64 7.44 14.57
C LYS B 545 -1.39 8.95 14.49
N THR B 546 -0.28 9.38 15.07
CA THR B 546 0.07 10.80 15.14
C THR B 546 0.61 11.20 13.79
N VAL B 547 0.86 12.49 13.57
CA VAL B 547 1.38 12.92 12.28
C VAL B 547 2.53 11.98 11.85
N THR B 548 3.46 11.72 12.78
CA THR B 548 4.64 10.91 12.48
C THR B 548 4.45 9.39 12.66
N GLY B 549 3.20 8.95 12.73
CA GLY B 549 2.88 7.53 12.64
C GLY B 549 2.86 6.75 13.94
N LYS B 550 2.99 7.42 15.08
CA LYS B 550 2.97 6.73 16.36
C LYS B 550 1.50 6.40 16.71
N ILE B 551 1.26 5.27 17.40
CA ILE B 551 -0.13 4.85 17.72
C ILE B 551 -0.67 5.66 18.89
N GLN B 552 -1.94 6.06 18.83
CA GLN B 552 -2.50 6.85 19.92
C GLN B 552 -3.31 5.99 20.82
N ARG B 553 -2.60 5.32 21.72
CA ARG B 553 -3.20 4.42 22.68
C ARG B 553 -4.24 5.14 23.53
N ALA B 554 -4.01 6.40 23.86
CA ALA B 554 -4.95 7.15 24.70
C ALA B 554 -6.28 7.31 23.98
N LYS B 555 -6.22 7.69 22.71
CA LYS B 555 -7.45 7.81 21.87
C LYS B 555 -8.27 6.50 21.93
N LEU B 556 -7.59 5.37 21.70
CA LEU B 556 -8.20 4.05 21.83
C LEU B 556 -8.74 3.80 23.24
N ARG B 557 -7.91 4.06 24.25
CA ARG B 557 -8.28 3.86 25.65
C ARG B 557 -9.51 4.65 26.02
N ASP B 558 -9.53 5.92 25.63
CA ASP B 558 -10.70 6.78 25.90
C ASP B 558 -11.96 6.28 25.23
N LYS B 559 -11.84 5.71 24.03
CA LYS B 559 -13.02 5.24 23.32
C LYS B 559 -13.47 3.89 23.90
N GLU B 560 -12.53 3.03 24.25
CA GLU B 560 -12.88 1.76 24.86
C GLU B 560 -13.67 1.99 26.15
N TRP B 561 -13.25 3.00 26.91
CA TRP B 561 -13.93 3.34 28.16
C TRP B 561 -15.23 4.11 27.85
N LYS B 562 -16.30 3.35 27.59
CA LYS B 562 -17.58 3.87 27.09
C LYS B 562 -17.67 5.38 27.01
#